data_1JOJ
#
_entry.id   1JOJ
#
_cell.length_a   102.685
_cell.length_b   118.384
_cell.length_c   253.593
_cell.angle_alpha   90.00
_cell.angle_beta   90.00
_cell.angle_gamma   90.00
#
_symmetry.space_group_name_H-M   'C 2 2 21'
#
loop_
_entity.id
_entity.type
_entity.pdbx_description
1 polymer Concanavalin-Br
2 polymer HEXAPEPTIDE
3 non-polymer 'MANGANESE (II) ION'
4 non-polymer 'CALCIUM ION'
5 water water
#
loop_
_entity_poly.entity_id
_entity_poly.type
_entity_poly.pdbx_seq_one_letter_code
_entity_poly.pdbx_strand_id
1 'polypeptide(L)'
;ADTIVAVELDTYPNTDIGDPSYPHIGIDIKSVRSKKTAKWNMQNGKVGTAHIIYNSVDKRLSAVVSYPNADSATVSYDVD
LDNVLPEWVRVGLSASTGLYKETNTILSWSFTSKLKSNSTHETNALHFMFNQFSKDQKDLILQGDATTGTDGNLELTRVS
SNGSPQGSSVGRALFYAPVHIWESSAVVASFEATFTFLIKSPDSHPADGIAFFISNIDSSIPSGSTGRLLGLFPDAN
;
A,B,C,D
2 'polypeptide(L)' (ACE)MYWYPY(NH2) P,Q,R,S
#
# COMPACT_ATOMS: atom_id res chain seq x y z
N ALA A 1 -47.12 4.00 16.12
CA ALA A 1 -47.01 2.54 16.44
C ALA A 1 -46.94 1.70 15.17
N ASP A 2 -47.05 0.39 15.34
CA ASP A 2 -47.01 -0.52 14.22
C ASP A 2 -48.37 -0.56 13.55
N THR A 3 -48.42 -1.13 12.35
CA THR A 3 -49.68 -1.27 11.62
C THR A 3 -49.87 -2.77 11.58
N ILE A 4 -50.99 -3.24 12.11
CA ILE A 4 -51.22 -4.66 12.14
C ILE A 4 -52.57 -5.19 11.68
N VAL A 5 -52.51 -6.15 10.79
CA VAL A 5 -53.69 -6.83 10.26
C VAL A 5 -53.47 -8.29 10.69
N ALA A 6 -54.44 -8.87 11.37
CA ALA A 6 -54.26 -10.24 11.82
C ALA A 6 -55.55 -11.03 11.91
N VAL A 7 -55.40 -12.34 11.82
CA VAL A 7 -56.52 -13.28 11.94
C VAL A 7 -56.16 -13.94 13.25
N GLU A 8 -57.01 -13.79 14.25
CA GLU A 8 -56.73 -14.36 15.55
C GLU A 8 -57.57 -15.59 15.92
N LEU A 9 -56.92 -16.54 16.60
CA LEU A 9 -57.58 -17.75 17.09
C LEU A 9 -57.67 -17.52 18.60
N ASP A 10 -58.68 -16.76 19.02
CA ASP A 10 -58.89 -16.40 20.43
C ASP A 10 -59.45 -17.55 21.25
N THR A 11 -58.79 -17.89 22.35
CA THR A 11 -59.26 -18.99 23.18
C THR A 11 -59.91 -18.59 24.51
N TYR A 12 -59.72 -17.34 24.94
CA TYR A 12 -60.34 -16.88 26.18
C TYR A 12 -61.25 -15.71 25.88
N PRO A 13 -62.53 -15.81 26.29
CA PRO A 13 -63.43 -14.69 26.01
C PRO A 13 -63.33 -13.56 27.01
N ASN A 14 -62.73 -12.46 26.59
CA ASN A 14 -62.59 -11.27 27.43
C ASN A 14 -63.68 -10.32 26.95
N THR A 15 -64.94 -10.70 27.14
CA THR A 15 -66.07 -9.91 26.68
C THR A 15 -66.21 -8.51 27.31
N ASP A 16 -65.07 -7.99 27.77
CA ASP A 16 -64.97 -6.69 28.40
C ASP A 16 -64.32 -5.72 27.40
N ILE A 17 -63.67 -6.29 26.38
CA ILE A 17 -63.01 -5.48 25.37
C ILE A 17 -63.64 -5.77 24.03
N GLY A 18 -64.85 -6.31 24.05
CA GLY A 18 -65.56 -6.62 22.82
C GLY A 18 -65.58 -8.09 22.48
N ASP A 19 -64.85 -8.88 23.24
CA ASP A 19 -64.79 -10.32 22.97
C ASP A 19 -66.14 -11.02 23.10
N PRO A 20 -66.36 -12.05 22.28
CA PRO A 20 -67.61 -12.82 22.31
C PRO A 20 -67.59 -13.66 23.59
N SER A 21 -68.70 -14.30 23.92
CA SER A 21 -68.76 -15.10 25.14
C SER A 21 -68.27 -16.53 24.96
N TYR A 22 -67.37 -16.76 24.01
CA TYR A 22 -66.89 -18.11 23.74
C TYR A 22 -65.65 -18.09 22.84
N PRO A 23 -64.92 -19.21 22.74
CA PRO A 23 -63.73 -19.28 21.88
C PRO A 23 -64.15 -18.94 20.46
N HIS A 24 -63.44 -18.01 19.83
CA HIS A 24 -63.80 -17.57 18.49
C HIS A 24 -62.60 -17.29 17.59
N ILE A 25 -62.90 -16.94 16.35
CA ILE A 25 -61.88 -16.56 15.37
C ILE A 25 -62.36 -15.20 14.88
N GLY A 26 -61.42 -14.29 14.67
CA GLY A 26 -61.80 -12.97 14.21
C GLY A 26 -60.74 -12.33 13.34
N ILE A 27 -61.11 -11.22 12.73
CA ILE A 27 -60.19 -10.49 11.87
C ILE A 27 -59.96 -9.14 12.52
N ASP A 28 -58.69 -8.82 12.78
CA ASP A 28 -58.33 -7.58 13.43
C ASP A 28 -57.64 -6.61 12.48
N ILE A 29 -58.20 -5.41 12.35
CA ILE A 29 -57.60 -4.41 11.49
C ILE A 29 -57.11 -3.25 12.35
N LYS A 30 -55.85 -3.32 12.77
CA LYS A 30 -55.21 -2.29 13.60
C LYS A 30 -55.80 -2.13 15.00
N SER A 31 -56.50 -3.15 15.48
CA SER A 31 -57.12 -3.10 16.81
C SER A 31 -57.38 -4.52 17.32
N VAL A 32 -57.40 -4.69 18.65
CA VAL A 32 -57.68 -6.01 19.21
C VAL A 32 -59.18 -6.27 19.16
N ARG A 33 -59.96 -5.22 18.95
CA ARG A 33 -61.41 -5.37 18.85
C ARG A 33 -61.73 -5.75 17.41
N SER A 34 -61.92 -7.05 17.21
CA SER A 34 -62.20 -7.63 15.90
C SER A 34 -63.32 -6.97 15.10
N LYS A 35 -63.11 -6.82 13.80
CA LYS A 35 -64.10 -6.24 12.90
C LYS A 35 -65.25 -7.23 12.70
N LYS A 36 -64.95 -8.50 12.88
CA LYS A 36 -65.95 -9.55 12.73
C LYS A 36 -65.38 -10.86 13.28
N THR A 37 -66.20 -11.58 14.04
CA THR A 37 -65.77 -12.86 14.63
C THR A 37 -66.69 -14.00 14.24
N ALA A 38 -66.45 -15.17 14.82
CA ALA A 38 -67.25 -16.36 14.53
C ALA A 38 -66.96 -17.47 15.54
N LYS A 39 -68.00 -17.95 16.20
CA LYS A 39 -67.84 -19.00 17.21
C LYS A 39 -66.91 -20.08 16.66
N TRP A 40 -65.98 -20.54 17.51
CA TRP A 40 -65.02 -21.56 17.14
C TRP A 40 -64.99 -22.63 18.21
N ASN A 41 -65.43 -23.84 17.86
CA ASN A 41 -65.43 -24.93 18.81
C ASN A 41 -64.03 -25.51 18.95
N MET A 42 -63.24 -24.85 19.78
CA MET A 42 -61.86 -25.22 20.04
C MET A 42 -61.75 -26.58 20.72
N GLN A 43 -60.93 -27.49 20.19
CA GLN A 43 -60.78 -28.80 20.82
C GLN A 43 -59.42 -28.92 21.49
N ASN A 44 -59.41 -28.79 22.80
CA ASN A 44 -58.18 -28.87 23.57
C ASN A 44 -57.41 -30.16 23.26
N GLY A 45 -56.11 -30.04 23.00
CA GLY A 45 -55.28 -31.19 22.75
C GLY A 45 -55.30 -31.78 21.36
N LYS A 46 -56.11 -31.22 20.46
CA LYS A 46 -56.17 -31.74 19.09
C LYS A 46 -55.43 -30.86 18.08
N VAL A 47 -54.83 -31.49 17.07
CA VAL A 47 -54.13 -30.71 16.06
C VAL A 47 -55.18 -30.08 15.13
N GLY A 48 -54.95 -28.84 14.75
CA GLY A 48 -55.88 -28.16 13.88
C GLY A 48 -55.19 -27.44 12.73
N THR A 49 -55.97 -26.89 11.83
CA THR A 49 -55.41 -26.21 10.68
C THR A 49 -56.08 -24.88 10.47
N ALA A 50 -55.30 -23.91 10.02
CA ALA A 50 -55.83 -22.59 9.74
C ALA A 50 -55.41 -22.20 8.31
N HIS A 51 -56.40 -21.81 7.50
CA HIS A 51 -56.18 -21.38 6.12
C HIS A 51 -56.61 -19.94 6.01
N ILE A 52 -55.72 -19.10 5.50
CA ILE A 52 -56.04 -17.69 5.32
C ILE A 52 -55.81 -17.34 3.84
N ILE A 53 -56.80 -16.72 3.21
CA ILE A 53 -56.69 -16.32 1.81
C ILE A 53 -57.13 -14.87 1.61
N TYR A 54 -56.62 -14.25 0.55
CA TYR A 54 -56.95 -12.88 0.22
C TYR A 54 -56.45 -12.57 -1.19
N ASN A 55 -57.28 -11.92 -2.00
CA ASN A 55 -56.87 -11.54 -3.34
C ASN A 55 -57.31 -10.08 -3.57
N SER A 56 -56.58 -9.36 -4.42
CA SER A 56 -56.88 -7.96 -4.69
C SER A 56 -58.09 -7.69 -5.57
N VAL A 57 -58.59 -8.74 -6.23
CA VAL A 57 -59.75 -8.59 -7.08
C VAL A 57 -61.03 -8.47 -6.24
N ASP A 58 -61.14 -9.29 -5.22
CA ASP A 58 -62.31 -9.25 -4.34
C ASP A 58 -62.07 -8.35 -3.14
N LYS A 59 -60.81 -8.18 -2.78
CA LYS A 59 -60.45 -7.36 -1.63
C LYS A 59 -61.21 -7.90 -0.42
N ARG A 60 -61.15 -9.22 -0.26
CA ARG A 60 -61.81 -9.89 0.85
C ARG A 60 -60.83 -10.86 1.53
N LEU A 61 -60.66 -10.68 2.85
CA LEU A 61 -59.77 -11.52 3.64
C LEU A 61 -60.63 -12.56 4.34
N SER A 62 -60.34 -13.84 4.09
CA SER A 62 -61.11 -14.95 4.67
C SER A 62 -60.20 -15.95 5.37
N ALA A 63 -60.74 -16.62 6.37
CA ALA A 63 -59.99 -17.59 7.13
C ALA A 63 -60.86 -18.79 7.46
N VAL A 64 -60.23 -19.97 7.46
CA VAL A 64 -60.94 -21.19 7.80
C VAL A 64 -60.14 -21.95 8.84
N VAL A 65 -60.78 -22.34 9.93
CA VAL A 65 -60.11 -23.10 10.98
C VAL A 65 -60.90 -24.39 11.16
N SER A 66 -60.22 -25.53 11.01
CA SER A 66 -60.90 -26.80 11.14
C SER A 66 -60.07 -27.81 11.92
N TYR A 67 -60.73 -28.89 12.32
CA TYR A 67 -60.16 -30.01 13.06
C TYR A 67 -60.62 -31.25 12.31
N PRO A 68 -59.73 -32.23 12.13
CA PRO A 68 -60.14 -33.45 11.42
C PRO A 68 -61.49 -34.00 11.87
N ASN A 69 -62.34 -34.31 10.88
CA ASN A 69 -63.65 -34.88 11.14
C ASN A 69 -64.51 -34.01 12.06
N ALA A 70 -64.52 -32.71 11.83
CA ALA A 70 -65.30 -31.80 12.66
C ALA A 70 -65.78 -30.63 11.79
N ASP A 71 -66.79 -29.90 12.27
CA ASP A 71 -67.29 -28.75 11.51
C ASP A 71 -66.24 -27.67 11.63
N SER A 72 -66.12 -26.84 10.59
CA SER A 72 -65.12 -25.79 10.59
C SER A 72 -65.68 -24.39 10.87
N ALA A 73 -64.81 -23.51 11.32
CA ALA A 73 -65.18 -22.13 11.60
C ALA A 73 -64.68 -21.30 10.42
N THR A 74 -65.50 -20.36 9.95
CA THR A 74 -65.15 -19.52 8.80
C THR A 74 -65.50 -18.06 9.06
N VAL A 75 -64.61 -17.16 8.67
CA VAL A 75 -64.84 -15.74 8.85
C VAL A 75 -64.20 -14.94 7.73
N SER A 76 -64.93 -13.96 7.21
CA SER A 76 -64.41 -13.10 6.14
C SER A 76 -64.72 -11.66 6.43
N TYR A 77 -64.00 -10.76 5.78
CA TYR A 77 -64.20 -9.33 5.98
C TYR A 77 -63.71 -8.56 4.77
N ASP A 78 -64.62 -7.83 4.13
CA ASP A 78 -64.26 -7.05 2.96
C ASP A 78 -63.37 -5.90 3.41
N VAL A 79 -62.09 -5.99 3.06
CA VAL A 79 -61.11 -4.97 3.40
C VAL A 79 -60.05 -4.84 2.30
N ASP A 80 -59.83 -3.60 1.89
CA ASP A 80 -58.88 -3.25 0.85
C ASP A 80 -57.50 -2.98 1.52
N LEU A 81 -56.60 -3.95 1.43
CA LEU A 81 -55.27 -3.88 2.06
C LEU A 81 -54.32 -2.78 1.57
N ASP A 82 -54.60 -2.24 0.40
CA ASP A 82 -53.76 -1.20 -0.18
C ASP A 82 -53.78 0.06 0.69
N ASN A 83 -54.94 0.33 1.30
CA ASN A 83 -55.13 1.51 2.13
C ASN A 83 -54.99 1.22 3.62
N VAL A 84 -54.28 0.15 3.97
CA VAL A 84 -54.08 -0.19 5.36
C VAL A 84 -52.65 -0.58 5.65
N LEU A 85 -52.01 -1.25 4.71
CA LEU A 85 -50.63 -1.71 4.90
C LEU A 85 -49.66 -1.06 3.92
N PRO A 86 -48.40 -0.91 4.35
CA PRO A 86 -47.40 -0.32 3.46
C PRO A 86 -47.19 -1.39 2.40
N GLU A 87 -46.66 -1.07 1.23
CA GLU A 87 -46.51 -2.14 0.26
C GLU A 87 -45.49 -3.22 0.63
N TRP A 88 -44.58 -2.90 1.53
CA TRP A 88 -43.63 -3.90 1.97
C TRP A 88 -43.93 -4.19 3.45
N VAL A 89 -44.07 -5.47 3.78
CA VAL A 89 -44.40 -5.86 5.13
C VAL A 89 -43.71 -7.17 5.46
N ARG A 90 -43.96 -7.66 6.67
CA ARG A 90 -43.41 -8.93 7.13
C ARG A 90 -44.59 -9.75 7.63
N VAL A 91 -44.51 -11.06 7.48
CA VAL A 91 -45.57 -11.93 7.95
C VAL A 91 -45.07 -12.83 9.08
N GLY A 92 -45.96 -13.19 9.98
CA GLY A 92 -45.56 -14.04 11.08
C GLY A 92 -46.68 -14.61 11.92
N LEU A 93 -46.28 -15.20 13.05
CA LEU A 93 -47.19 -15.82 13.99
C LEU A 93 -46.89 -15.31 15.39
N SER A 94 -47.94 -14.97 16.12
CA SER A 94 -47.82 -14.46 17.47
C SER A 94 -48.79 -15.21 18.37
N ALA A 95 -48.40 -15.44 19.62
CA ALA A 95 -49.27 -16.13 20.58
C ALA A 95 -48.98 -15.58 21.98
N SER A 96 -49.88 -15.82 22.92
CA SER A 96 -49.68 -15.31 24.27
C SER A 96 -50.43 -16.11 25.32
N THR A 97 -50.07 -15.84 26.58
CA THR A 97 -50.69 -16.46 27.75
C THR A 97 -50.71 -15.38 28.84
N GLY A 98 -51.57 -15.54 29.83
CA GLY A 98 -51.63 -14.55 30.91
C GLY A 98 -51.85 -15.25 32.24
N LEU A 99 -53.00 -15.00 32.85
CA LEU A 99 -53.36 -15.63 34.11
C LEU A 99 -53.51 -17.13 33.84
N TYR A 100 -54.22 -17.43 32.75
CA TYR A 100 -54.47 -18.79 32.30
C TYR A 100 -53.51 -19.06 31.15
N LYS A 101 -53.15 -20.33 30.96
CA LYS A 101 -52.23 -20.67 29.88
C LYS A 101 -52.69 -21.83 29.00
N GLU A 102 -51.86 -22.09 27.99
CA GLU A 102 -52.07 -23.14 27.01
C GLU A 102 -50.77 -23.19 26.24
N THR A 103 -50.56 -24.26 25.49
CA THR A 103 -49.36 -24.37 24.70
C THR A 103 -49.77 -23.80 23.36
N ASN A 104 -48.90 -23.02 22.74
CA ASN A 104 -49.20 -22.46 21.44
C ASN A 104 -48.15 -23.01 20.50
N THR A 105 -48.27 -24.31 20.22
CA THR A 105 -47.31 -25.00 19.35
C THR A 105 -47.67 -24.98 17.87
N ILE A 106 -46.68 -24.65 17.03
CA ILE A 106 -46.88 -24.64 15.59
C ILE A 106 -46.12 -25.84 15.01
N LEU A 107 -46.84 -26.67 14.26
CA LEU A 107 -46.23 -27.87 13.67
C LEU A 107 -45.78 -27.68 12.22
N SER A 108 -46.37 -26.71 11.54
CA SER A 108 -45.99 -26.43 10.18
C SER A 108 -46.58 -25.08 9.78
N TRP A 109 -45.91 -24.41 8.83
CA TRP A 109 -46.35 -23.11 8.36
C TRP A 109 -45.85 -22.85 6.96
N SER A 110 -46.77 -22.58 6.05
CA SER A 110 -46.42 -22.32 4.67
C SER A 110 -47.09 -21.02 4.23
N PHE A 111 -46.43 -20.31 3.32
CA PHE A 111 -46.95 -19.04 2.83
C PHE A 111 -46.63 -18.83 1.35
N THR A 112 -47.57 -18.24 0.63
CA THR A 112 -47.38 -17.99 -0.80
C THR A 112 -47.97 -16.65 -1.22
N SER A 113 -47.14 -15.80 -1.82
CA SER A 113 -47.57 -14.50 -2.27
C SER A 113 -47.29 -14.29 -3.77
N LYS A 114 -48.33 -13.91 -4.51
CA LYS A 114 -48.26 -13.67 -5.96
C LYS A 114 -48.62 -12.22 -6.31
N LEU A 115 -47.83 -11.63 -7.19
CA LEU A 115 -48.07 -10.27 -7.61
C LEU A 115 -47.91 -10.20 -9.12
N LYS A 116 -48.94 -9.72 -9.82
CA LYS A 116 -48.90 -9.60 -11.29
C LYS A 116 -49.05 -8.17 -11.76
N SER A 117 -47.93 -7.52 -12.09
CA SER A 117 -47.97 -6.14 -12.56
C SER A 117 -48.49 -6.05 -13.99
N ASN A 118 -48.91 -4.85 -14.39
CA ASN A 118 -49.44 -4.64 -15.74
C ASN A 118 -48.36 -4.44 -16.80
N SER A 119 -47.74 -5.57 -17.09
CA SER A 119 -46.68 -5.79 -18.07
C SER A 119 -47.00 -7.29 -18.19
N THR A 120 -48.22 -7.57 -17.74
CA THR A 120 -48.88 -8.87 -17.68
C THR A 120 -48.05 -10.14 -17.53
N HIS A 121 -48.69 -11.11 -16.88
CA HIS A 121 -48.13 -12.40 -16.51
C HIS A 121 -46.73 -12.30 -15.92
N GLU A 122 -46.07 -11.18 -16.17
CA GLU A 122 -44.78 -10.97 -15.53
C GLU A 122 -45.24 -11.07 -14.08
N THR A 123 -44.93 -12.20 -13.46
CA THR A 123 -45.34 -12.48 -12.09
C THR A 123 -44.18 -12.63 -11.14
N ASN A 124 -44.30 -11.99 -9.98
CA ASN A 124 -43.31 -12.09 -8.93
C ASN A 124 -43.99 -12.90 -7.84
N ALA A 125 -43.28 -13.85 -7.26
CA ALA A 125 -43.90 -14.67 -6.24
C ALA A 125 -42.92 -15.12 -5.18
N LEU A 126 -43.42 -15.22 -3.95
CA LEU A 126 -42.60 -15.69 -2.83
C LEU A 126 -43.33 -16.84 -2.19
N HIS A 127 -42.59 -17.90 -1.89
CA HIS A 127 -43.19 -19.07 -1.26
C HIS A 127 -42.23 -19.77 -0.33
N PHE A 128 -42.64 -19.95 0.92
CA PHE A 128 -41.82 -20.66 1.87
C PHE A 128 -42.71 -21.68 2.55
N MET A 129 -42.13 -22.79 2.98
CA MET A 129 -42.87 -23.84 3.65
C MET A 129 -42.06 -24.51 4.77
N PHE A 130 -42.64 -24.54 5.96
CA PHE A 130 -41.98 -25.16 7.10
C PHE A 130 -42.75 -26.37 7.60
N ASN A 131 -42.11 -27.54 7.54
CA ASN A 131 -42.72 -28.77 8.02
C ASN A 131 -42.06 -29.18 9.31
N GLN A 132 -40.87 -28.62 9.53
CA GLN A 132 -40.13 -28.88 10.74
C GLN A 132 -39.15 -27.73 10.95
N PHE A 133 -39.03 -27.28 12.19
CA PHE A 133 -38.14 -26.18 12.54
C PHE A 133 -36.93 -26.76 13.23
N SER A 134 -35.74 -26.30 12.88
CA SER A 134 -34.53 -26.79 13.52
C SER A 134 -34.18 -25.86 14.67
N LYS A 135 -33.30 -26.31 15.57
CA LYS A 135 -32.92 -25.48 16.69
C LYS A 135 -32.44 -24.10 16.24
N ASP A 136 -31.66 -24.04 15.17
CA ASP A 136 -31.18 -22.74 14.67
C ASP A 136 -31.79 -22.42 13.31
N GLN A 137 -33.00 -21.86 13.35
CA GLN A 137 -33.78 -21.49 12.16
C GLN A 137 -33.42 -20.07 11.71
N LYS A 138 -32.36 -19.96 10.93
CA LYS A 138 -31.89 -18.66 10.48
C LYS A 138 -32.83 -17.82 9.62
N ASP A 139 -33.73 -18.46 8.89
CA ASP A 139 -34.64 -17.71 8.03
C ASP A 139 -35.87 -17.23 8.79
N LEU A 140 -35.79 -17.30 10.12
CA LEU A 140 -36.88 -16.87 10.99
C LEU A 140 -36.44 -15.84 12.02
N ILE A 141 -37.33 -14.92 12.34
CA ILE A 141 -37.04 -13.90 13.34
C ILE A 141 -37.92 -14.19 14.55
N LEU A 142 -37.31 -14.75 15.60
CA LEU A 142 -38.01 -15.10 16.83
C LEU A 142 -38.02 -13.91 17.79
N GLN A 143 -39.17 -13.61 18.36
CA GLN A 143 -39.27 -12.50 19.31
C GLN A 143 -39.93 -12.99 20.60
N GLY A 144 -39.56 -12.40 21.72
CA GLY A 144 -40.13 -12.79 22.99
C GLY A 144 -39.68 -14.17 23.40
N ASP A 145 -40.61 -14.94 23.95
CA ASP A 145 -40.34 -16.30 24.42
C ASP A 145 -40.44 -17.36 23.32
N ALA A 146 -40.62 -16.92 22.09
CA ALA A 146 -40.72 -17.86 20.99
C ALA A 146 -39.42 -18.64 20.77
N THR A 147 -39.55 -19.96 20.59
CA THR A 147 -38.39 -20.81 20.35
C THR A 147 -38.74 -21.91 19.36
N THR A 148 -37.72 -22.44 18.70
CA THR A 148 -37.91 -23.53 17.75
C THR A 148 -37.04 -24.67 18.25
N GLY A 149 -36.73 -25.65 17.44
CA GLY A 149 -35.86 -26.70 17.92
C GLY A 149 -36.62 -27.86 18.63
N THR A 150 -37.74 -27.62 19.44
CA THR A 150 -38.47 -28.63 20.29
C THR A 150 -39.22 -29.64 19.45
N ASP A 151 -38.28 -30.30 18.94
CA ASP A 151 -38.10 -31.38 18.02
C ASP A 151 -39.08 -31.27 16.94
N GLY A 152 -38.63 -30.43 16.06
CA GLY A 152 -39.55 -30.15 14.99
C GLY A 152 -40.48 -28.96 15.14
N ASN A 153 -41.07 -28.76 16.30
CA ASN A 153 -42.03 -27.68 16.45
C ASN A 153 -41.51 -26.30 16.84
N LEU A 154 -42.39 -25.31 16.70
CA LEU A 154 -42.12 -23.93 17.05
C LEU A 154 -42.99 -23.57 18.25
N GLU A 155 -42.38 -23.39 19.41
CA GLU A 155 -43.12 -23.03 20.61
C GLU A 155 -43.16 -21.51 20.71
N LEU A 156 -44.31 -20.93 20.41
CA LEU A 156 -44.47 -19.49 20.47
C LEU A 156 -44.33 -18.96 21.89
N THR A 157 -44.91 -19.65 22.88
CA THR A 157 -44.82 -19.22 24.27
C THR A 157 -44.06 -20.24 25.14
N ARG A 158 -43.66 -19.81 26.35
CA ARG A 158 -42.90 -20.66 27.29
C ARG A 158 -43.55 -21.97 27.70
N VAL A 159 -42.79 -23.05 27.59
CA VAL A 159 -43.26 -24.37 28.00
C VAL A 159 -42.11 -24.95 28.83
N SER A 160 -42.45 -25.45 30.01
CA SER A 160 -41.46 -26.02 30.92
C SER A 160 -40.80 -27.26 30.34
N SER A 161 -39.77 -27.74 31.04
CA SER A 161 -39.04 -28.94 30.64
C SER A 161 -40.01 -30.10 30.51
N ASN A 162 -40.77 -30.33 31.58
CA ASN A 162 -41.74 -31.42 31.61
C ASN A 162 -42.84 -31.25 30.55
N GLY A 163 -42.93 -30.06 29.96
CA GLY A 163 -43.90 -29.83 28.91
C GLY A 163 -45.18 -29.06 29.19
N SER A 164 -45.29 -28.41 30.35
CA SER A 164 -46.49 -27.64 30.66
C SER A 164 -46.35 -26.15 30.29
N PRO A 165 -47.46 -25.53 29.84
CA PRO A 165 -47.45 -24.11 29.45
C PRO A 165 -47.32 -23.18 30.66
N GLN A 166 -46.60 -22.08 30.46
CA GLN A 166 -46.39 -21.08 31.52
C GLN A 166 -47.31 -19.89 31.29
N GLY A 167 -47.62 -19.18 32.36
CA GLY A 167 -48.47 -18.02 32.23
C GLY A 167 -47.66 -16.79 31.85
N SER A 168 -48.35 -15.69 31.57
CA SER A 168 -47.69 -14.45 31.19
C SER A 168 -46.48 -14.68 30.29
N SER A 169 -46.77 -15.07 29.04
CA SER A 169 -45.72 -15.32 28.07
C SER A 169 -46.10 -14.74 26.71
N VAL A 170 -45.10 -14.24 25.98
CA VAL A 170 -45.34 -13.68 24.64
C VAL A 170 -44.22 -14.05 23.68
N GLY A 171 -44.60 -14.50 22.50
CA GLY A 171 -43.60 -14.84 21.50
C GLY A 171 -44.11 -14.66 20.09
N ARG A 172 -43.20 -14.41 19.16
CA ARG A 172 -43.57 -14.22 17.76
C ARG A 172 -42.53 -14.87 16.85
N ALA A 173 -42.92 -15.14 15.62
CA ALA A 173 -42.02 -15.73 14.64
C ALA A 173 -42.30 -15.06 13.31
N LEU A 174 -41.39 -14.19 12.86
CA LEU A 174 -41.59 -13.53 11.58
C LEU A 174 -40.61 -14.07 10.55
N PHE A 175 -41.07 -14.15 9.31
CA PHE A 175 -40.22 -14.62 8.23
C PHE A 175 -39.19 -13.54 7.96
N TYR A 176 -37.94 -13.97 7.78
CA TYR A 176 -36.85 -13.03 7.58
C TYR A 176 -37.01 -12.00 6.45
N ALA A 177 -37.22 -12.48 5.22
CA ALA A 177 -37.36 -11.59 4.06
C ALA A 177 -38.66 -10.78 4.06
N PRO A 178 -38.59 -9.50 3.69
CA PRO A 178 -39.80 -8.67 3.64
C PRO A 178 -40.67 -9.19 2.51
N VAL A 179 -41.96 -8.88 2.54
CA VAL A 179 -42.87 -9.33 1.50
C VAL A 179 -43.54 -8.16 0.79
N HIS A 180 -43.68 -8.27 -0.53
CA HIS A 180 -44.30 -7.25 -1.35
C HIS A 180 -45.79 -7.65 -1.43
N ILE A 181 -46.57 -7.17 -0.48
CA ILE A 181 -47.99 -7.52 -0.40
C ILE A 181 -48.92 -6.84 -1.42
N TRP A 182 -48.58 -5.64 -1.85
CA TRP A 182 -49.41 -4.95 -2.85
C TRP A 182 -48.58 -3.95 -3.63
N GLU A 183 -49.03 -3.64 -4.85
CA GLU A 183 -48.32 -2.70 -5.71
C GLU A 183 -49.31 -2.01 -6.64
N SER A 184 -49.21 -0.69 -6.72
CA SER A 184 -50.09 0.12 -7.56
C SER A 184 -50.42 -0.48 -8.93
N SER A 185 -49.39 -0.77 -9.71
CA SER A 185 -49.55 -1.32 -11.04
C SER A 185 -50.00 -2.78 -11.10
N ALA A 186 -50.27 -3.36 -9.94
CA ALA A 186 -50.68 -4.76 -9.88
C ALA A 186 -52.04 -5.08 -10.49
N VAL A 187 -52.05 -6.02 -11.44
CA VAL A 187 -53.28 -6.47 -12.08
C VAL A 187 -53.99 -7.34 -11.06
N VAL A 188 -53.24 -8.27 -10.45
CA VAL A 188 -53.79 -9.17 -9.45
C VAL A 188 -52.72 -9.50 -8.40
N ALA A 189 -53.07 -9.29 -7.14
CA ALA A 189 -52.16 -9.59 -6.02
C ALA A 189 -52.91 -10.49 -5.05
N SER A 190 -52.27 -11.59 -4.67
CA SER A 190 -52.90 -12.53 -3.75
C SER A 190 -51.87 -13.21 -2.88
N PHE A 191 -52.36 -13.86 -1.82
CA PHE A 191 -51.49 -14.59 -0.89
C PHE A 191 -52.36 -15.53 -0.09
N GLU A 192 -51.79 -16.63 0.36
CA GLU A 192 -52.50 -17.59 1.19
C GLU A 192 -51.53 -18.20 2.20
N ALA A 193 -51.97 -18.29 3.46
CA ALA A 193 -51.14 -18.84 4.53
C ALA A 193 -51.82 -20.03 5.19
N THR A 194 -51.02 -21.04 5.52
CA THR A 194 -51.51 -22.26 6.16
C THR A 194 -50.58 -22.66 7.30
N PHE A 195 -51.16 -23.06 8.43
CA PHE A 195 -50.37 -23.52 9.56
C PHE A 195 -51.17 -24.48 10.42
N THR A 196 -50.47 -25.43 11.03
CA THR A 196 -51.12 -26.40 11.90
C THR A 196 -50.66 -26.10 13.32
N PHE A 197 -51.63 -26.04 14.23
CA PHE A 197 -51.34 -25.73 15.62
C PHE A 197 -51.79 -26.84 16.56
N LEU A 198 -51.33 -26.76 17.81
CA LEU A 198 -51.71 -27.71 18.84
C LEU A 198 -51.80 -26.94 20.15
N ILE A 199 -53.01 -26.48 20.47
CA ILE A 199 -53.24 -25.73 21.69
C ILE A 199 -53.63 -26.71 22.78
N LYS A 200 -52.74 -26.91 23.74
CA LYS A 200 -52.99 -27.87 24.83
C LYS A 200 -53.08 -27.18 26.18
N SER A 201 -54.11 -27.54 26.95
CA SER A 201 -54.31 -26.92 28.26
C SER A 201 -54.68 -27.91 29.36
N PRO A 202 -53.69 -28.32 30.18
CA PRO A 202 -53.88 -29.26 31.30
C PRO A 202 -55.12 -28.94 32.14
N ASP A 203 -55.25 -27.69 32.57
CA ASP A 203 -56.41 -27.24 33.31
C ASP A 203 -57.32 -26.73 32.20
N SER A 204 -58.34 -27.50 31.82
CA SER A 204 -59.25 -27.12 30.74
C SER A 204 -59.79 -25.69 30.80
N HIS A 205 -58.86 -24.75 30.71
CA HIS A 205 -59.17 -23.34 30.79
C HIS A 205 -58.02 -22.61 30.11
N PRO A 206 -57.95 -22.72 28.78
CA PRO A 206 -56.95 -22.15 27.89
C PRO A 206 -57.01 -20.63 27.77
N ALA A 207 -55.92 -20.06 27.25
CA ALA A 207 -55.78 -18.63 27.03
C ALA A 207 -54.33 -18.35 26.68
N ASP A 208 -54.12 -17.60 25.59
CA ASP A 208 -55.03 -16.56 25.19
C ASP A 208 -55.32 -16.64 23.69
N GLY A 209 -54.45 -17.34 22.97
CA GLY A 209 -54.68 -17.49 21.54
C GLY A 209 -53.44 -17.43 20.68
N ILE A 210 -53.63 -17.74 19.40
CA ILE A 210 -52.56 -17.71 18.41
C ILE A 210 -53.09 -16.84 17.28
N ALA A 211 -52.21 -16.13 16.58
CA ALA A 211 -52.64 -15.27 15.49
C ALA A 211 -51.64 -15.23 14.34
N PHE A 212 -52.15 -15.07 13.12
CA PHE A 212 -51.33 -14.94 11.92
C PHE A 212 -51.41 -13.46 11.65
N PHE A 213 -50.28 -12.76 11.58
CA PHE A 213 -50.34 -11.33 11.35
C PHE A 213 -49.42 -10.79 10.25
N ILE A 214 -49.74 -9.59 9.80
CA ILE A 214 -48.99 -8.89 8.77
C ILE A 214 -48.71 -7.52 9.36
N SER A 215 -47.48 -7.05 9.26
CA SER A 215 -47.12 -5.75 9.83
C SER A 215 -45.98 -5.06 9.11
N ASN A 216 -45.65 -3.86 9.58
CA ASN A 216 -44.54 -3.13 9.01
C ASN A 216 -43.29 -3.97 9.26
N ILE A 217 -42.32 -3.84 8.38
CA ILE A 217 -41.08 -4.60 8.46
C ILE A 217 -40.36 -4.64 9.81
N ASP A 218 -40.46 -3.56 10.59
CA ASP A 218 -39.77 -3.49 11.87
C ASP A 218 -40.64 -3.62 13.11
N SER A 219 -41.80 -4.24 12.94
CA SER A 219 -42.69 -4.42 14.08
C SER A 219 -42.04 -5.30 15.14
N SER A 220 -42.29 -4.98 16.41
CA SER A 220 -41.77 -5.76 17.53
C SER A 220 -42.88 -5.87 18.58
N ILE A 221 -42.72 -6.77 19.54
CA ILE A 221 -43.73 -6.97 20.58
C ILE A 221 -43.94 -5.71 21.41
N PRO A 222 -45.20 -5.25 21.53
CA PRO A 222 -45.55 -4.06 22.31
C PRO A 222 -45.44 -4.40 23.80
N SER A 223 -45.17 -3.41 24.65
CA SER A 223 -45.07 -3.67 26.10
C SER A 223 -46.39 -4.12 26.72
N GLY A 224 -46.29 -5.10 27.61
CA GLY A 224 -47.46 -5.62 28.30
C GLY A 224 -48.49 -6.25 27.39
N SER A 225 -48.07 -6.65 26.20
CA SER A 225 -48.99 -7.26 25.26
C SER A 225 -49.16 -8.76 25.50
N THR A 226 -48.94 -9.18 26.73
CA THR A 226 -49.13 -10.59 27.10
C THR A 226 -50.64 -10.77 27.14
N GLY A 227 -51.08 -11.98 27.51
CA GLY A 227 -52.50 -12.26 27.62
C GLY A 227 -53.39 -11.81 26.47
N ARG A 228 -54.52 -11.19 26.83
CA ARG A 228 -55.53 -10.72 25.88
C ARG A 228 -55.07 -9.90 24.69
N LEU A 229 -53.82 -9.46 24.69
CA LEU A 229 -53.36 -8.65 23.58
C LEU A 229 -52.65 -9.48 22.51
N LEU A 230 -52.49 -10.77 22.78
CA LEU A 230 -51.86 -11.70 21.83
C LEU A 230 -50.51 -11.23 21.26
N GLY A 231 -49.87 -10.28 21.93
CA GLY A 231 -48.58 -9.77 21.50
C GLY A 231 -48.62 -9.03 20.19
N LEU A 232 -49.69 -8.28 19.97
CA LEU A 232 -49.86 -7.53 18.73
C LEU A 232 -50.19 -6.06 18.92
N PHE A 233 -50.94 -5.75 19.97
CA PHE A 233 -51.35 -4.37 20.21
C PHE A 233 -50.91 -3.84 21.56
N PRO A 234 -50.64 -2.52 21.65
CA PRO A 234 -50.22 -1.89 22.89
C PRO A 234 -51.35 -1.72 23.90
N ASP A 235 -52.55 -1.40 23.42
CA ASP A 235 -53.71 -1.24 24.28
C ASP A 235 -54.91 -2.02 23.74
N ALA A 236 -56.12 -1.74 24.25
CA ALA A 236 -57.32 -2.45 23.81
C ALA A 236 -58.39 -1.53 23.26
N ASN A 237 -57.95 -0.45 22.61
CA ASN A 237 -58.89 0.50 22.03
C ASN A 237 -59.35 -0.04 20.68
N ALA B 1 -11.99 -16.43 5.37
CA ALA B 1 -12.86 -15.48 4.61
C ALA B 1 -14.06 -16.20 3.98
N ASP B 2 -14.69 -15.56 3.01
CA ASP B 2 -15.86 -16.11 2.35
C ASP B 2 -15.71 -17.51 1.76
N THR B 3 -16.85 -18.17 1.58
CA THR B 3 -16.93 -19.50 1.01
C THR B 3 -17.81 -19.33 -0.22
N ILE B 4 -17.26 -19.62 -1.39
CA ILE B 4 -18.00 -19.48 -2.63
C ILE B 4 -18.09 -20.74 -3.48
N VAL B 5 -19.18 -20.82 -4.21
CA VAL B 5 -19.43 -21.92 -5.13
C VAL B 5 -20.22 -21.18 -6.19
N ALA B 6 -19.73 -21.18 -7.42
CA ALA B 6 -20.44 -20.45 -8.45
C ALA B 6 -20.40 -21.02 -9.85
N VAL B 7 -21.38 -20.63 -10.64
CA VAL B 7 -21.48 -21.01 -12.04
C VAL B 7 -21.27 -19.66 -12.76
N GLU B 8 -20.09 -19.51 -13.35
CA GLU B 8 -19.73 -18.27 -14.03
C GLU B 8 -19.93 -18.29 -15.55
N LEU B 9 -20.39 -17.15 -16.07
CA LEU B 9 -20.59 -16.95 -17.50
C LEU B 9 -19.44 -16.01 -17.85
N ASP B 10 -18.27 -16.59 -18.07
CA ASP B 10 -17.07 -15.82 -18.37
C ASP B 10 -17.02 -15.29 -19.81
N THR B 11 -17.05 -13.97 -19.98
CA THR B 11 -17.03 -13.43 -21.34
C THR B 11 -15.63 -13.13 -21.90
N TYR B 12 -14.63 -12.98 -21.04
CA TYR B 12 -13.27 -12.69 -21.50
C TYR B 12 -12.26 -13.75 -21.04
N PRO B 13 -11.43 -14.25 -21.97
CA PRO B 13 -10.40 -15.27 -21.71
C PRO B 13 -9.10 -14.77 -21.06
N ASN B 14 -9.02 -14.93 -19.74
CA ASN B 14 -7.83 -14.53 -19.01
C ASN B 14 -6.98 -15.79 -18.90
N THR B 15 -6.25 -16.10 -19.95
CA THR B 15 -5.40 -17.29 -19.97
C THR B 15 -4.36 -17.27 -18.85
N ASP B 16 -3.89 -16.07 -18.52
CA ASP B 16 -2.89 -15.90 -17.47
C ASP B 16 -3.32 -16.49 -16.13
N ILE B 17 -4.53 -17.01 -16.05
CA ILE B 17 -5.02 -17.63 -14.82
C ILE B 17 -5.94 -18.83 -15.07
N GLY B 18 -5.71 -19.58 -16.14
CA GLY B 18 -6.51 -20.76 -16.39
C GLY B 18 -7.64 -20.71 -17.42
N ASP B 19 -8.21 -19.53 -17.63
CA ASP B 19 -9.30 -19.39 -18.59
C ASP B 19 -9.01 -20.03 -19.95
N PRO B 20 -10.00 -20.70 -20.54
CA PRO B 20 -9.76 -21.29 -21.86
C PRO B 20 -9.70 -20.14 -22.88
N SER B 21 -9.15 -20.40 -24.06
CA SER B 21 -9.03 -19.35 -25.06
C SER B 21 -10.37 -19.03 -25.72
N TYR B 22 -11.39 -18.78 -24.92
CA TYR B 22 -12.71 -18.46 -25.47
C TYR B 22 -13.78 -18.24 -24.42
N PRO B 23 -14.83 -17.48 -24.75
CA PRO B 23 -15.90 -17.24 -23.79
C PRO B 23 -16.37 -18.60 -23.29
N HIS B 24 -16.65 -18.72 -22.01
CA HIS B 24 -17.04 -20.02 -21.48
C HIS B 24 -17.95 -19.95 -20.28
N ILE B 25 -18.44 -21.12 -19.90
CA ILE B 25 -19.29 -21.28 -18.74
C ILE B 25 -18.42 -22.12 -17.81
N GLY B 26 -18.47 -21.87 -16.51
CA GLY B 26 -17.63 -22.65 -15.62
C GLY B 26 -18.21 -22.85 -14.24
N ILE B 27 -17.67 -23.83 -13.55
CA ILE B 27 -18.10 -24.13 -12.19
C ILE B 27 -16.92 -23.88 -11.28
N ASP B 28 -17.08 -22.89 -10.40
CA ASP B 28 -16.04 -22.50 -9.47
C ASP B 28 -16.33 -23.00 -8.06
N ILE B 29 -15.38 -23.70 -7.48
CA ILE B 29 -15.52 -24.19 -6.12
C ILE B 29 -14.39 -23.57 -5.29
N LYS B 30 -14.71 -22.47 -4.61
CA LYS B 30 -13.76 -21.77 -3.75
C LYS B 30 -12.54 -21.24 -4.49
N SER B 31 -12.62 -21.12 -5.82
CA SER B 31 -11.50 -20.62 -6.60
C SER B 31 -11.96 -20.12 -7.96
N VAL B 32 -11.32 -19.06 -8.44
CA VAL B 32 -11.68 -18.49 -9.74
C VAL B 32 -11.22 -19.42 -10.88
N ARG B 33 -10.41 -20.42 -10.55
CA ARG B 33 -9.93 -21.39 -11.54
C ARG B 33 -10.93 -22.55 -11.64
N SER B 34 -11.93 -22.38 -12.49
CA SER B 34 -13.00 -23.37 -12.68
C SER B 34 -12.53 -24.82 -12.64
N LYS B 35 -13.24 -25.66 -11.89
CA LYS B 35 -12.91 -27.08 -11.81
C LYS B 35 -13.33 -27.73 -13.14
N LYS B 36 -14.10 -26.99 -13.93
CA LYS B 36 -14.56 -27.50 -15.23
C LYS B 36 -15.22 -26.38 -16.04
N THR B 37 -14.94 -26.38 -17.34
CA THR B 37 -15.49 -25.37 -18.25
C THR B 37 -16.05 -25.98 -19.55
N ALA B 38 -16.79 -25.17 -20.29
CA ALA B 38 -17.39 -25.60 -21.56
C ALA B 38 -17.46 -24.35 -22.43
N LYS B 39 -17.07 -24.47 -23.70
CA LYS B 39 -17.09 -23.20 -24.45
C LYS B 39 -18.52 -22.71 -24.70
N TRP B 40 -18.59 -21.40 -24.83
CA TRP B 40 -19.87 -20.74 -24.91
C TRP B 40 -19.90 -19.69 -26.02
N ASN B 41 -20.72 -19.93 -27.03
CA ASN B 41 -20.86 -19.04 -28.17
C ASN B 41 -21.74 -17.86 -27.80
N MET B 42 -21.18 -17.00 -26.96
CA MET B 42 -21.85 -15.82 -26.45
C MET B 42 -22.34 -14.93 -27.61
N GLN B 43 -23.49 -14.31 -27.42
CA GLN B 43 -24.04 -13.46 -28.47
C GLN B 43 -24.39 -12.08 -27.96
N ASN B 44 -23.44 -11.17 -28.19
CA ASN B 44 -23.55 -9.77 -27.79
C ASN B 44 -24.87 -9.19 -28.26
N GLY B 45 -25.59 -8.58 -27.32
CA GLY B 45 -26.87 -7.97 -27.64
C GLY B 45 -28.10 -8.86 -27.61
N LYS B 46 -27.92 -10.16 -27.39
CA LYS B 46 -29.05 -11.09 -27.37
C LYS B 46 -29.43 -11.50 -25.95
N VAL B 47 -30.72 -11.69 -25.72
CA VAL B 47 -31.21 -12.12 -24.41
C VAL B 47 -31.01 -13.62 -24.27
N GLY B 48 -30.37 -14.04 -23.18
CA GLY B 48 -30.14 -15.46 -22.95
C GLY B 48 -30.69 -16.01 -21.65
N THR B 49 -30.63 -17.32 -21.51
CA THR B 49 -31.12 -18.01 -20.32
C THR B 49 -30.07 -18.94 -19.69
N ALA B 50 -30.02 -18.91 -18.36
CA ALA B 50 -29.10 -19.74 -17.59
C ALA B 50 -29.92 -20.66 -16.70
N HIS B 51 -29.45 -21.90 -16.56
CA HIS B 51 -30.14 -22.89 -15.75
C HIS B 51 -29.13 -23.68 -14.92
N ILE B 52 -29.23 -23.56 -13.60
CA ILE B 52 -28.34 -24.30 -12.71
C ILE B 52 -29.18 -25.27 -11.89
N ILE B 53 -28.77 -26.54 -11.85
CA ILE B 53 -29.50 -27.54 -11.07
C ILE B 53 -28.59 -28.40 -10.22
N TYR B 54 -29.13 -28.97 -9.14
CA TYR B 54 -28.35 -29.79 -8.24
C TYR B 54 -29.28 -30.60 -7.34
N ASN B 55 -28.89 -31.82 -7.02
CA ASN B 55 -29.66 -32.66 -6.11
C ASN B 55 -28.67 -33.49 -5.31
N SER B 56 -29.00 -33.78 -4.06
CA SER B 56 -28.11 -34.52 -3.18
C SER B 56 -27.97 -36.01 -3.50
N VAL B 57 -28.91 -36.55 -4.26
CA VAL B 57 -28.87 -37.96 -4.61
C VAL B 57 -27.73 -38.26 -5.58
N ASP B 58 -27.54 -37.37 -6.54
CA ASP B 58 -26.47 -37.53 -7.53
C ASP B 58 -25.25 -36.70 -7.17
N LYS B 59 -25.45 -35.68 -6.34
CA LYS B 59 -24.36 -34.80 -5.95
C LYS B 59 -23.62 -34.34 -7.20
N ARG B 60 -24.41 -33.89 -8.18
CA ARG B 60 -23.86 -33.41 -9.44
C ARG B 60 -24.44 -32.02 -9.75
N LEU B 61 -23.56 -31.02 -9.87
CA LEU B 61 -23.98 -29.66 -10.19
C LEU B 61 -23.85 -29.45 -11.68
N SER B 62 -24.97 -29.09 -12.33
CA SER B 62 -24.98 -28.87 -13.77
C SER B 62 -25.60 -27.55 -14.15
N ALA B 63 -25.10 -26.96 -15.23
CA ALA B 63 -25.60 -25.69 -15.70
C ALA B 63 -25.83 -25.71 -17.21
N VAL B 64 -26.84 -24.96 -17.66
CA VAL B 64 -27.17 -24.88 -19.09
C VAL B 64 -27.40 -23.42 -19.42
N VAL B 65 -26.71 -22.92 -20.44
CA VAL B 65 -26.89 -21.54 -20.89
C VAL B 65 -27.25 -21.64 -22.35
N SER B 66 -28.30 -20.94 -22.77
CA SER B 66 -28.68 -21.00 -24.18
C SER B 66 -29.28 -19.70 -24.68
N TYR B 67 -29.45 -19.66 -26.00
CA TYR B 67 -30.03 -18.51 -26.69
C TYR B 67 -31.10 -19.04 -27.63
N PRO B 68 -32.18 -18.27 -27.84
CA PRO B 68 -33.23 -18.73 -28.74
C PRO B 68 -32.73 -19.24 -30.09
N ASN B 69 -33.15 -20.46 -30.43
CA ASN B 69 -32.78 -21.06 -31.72
C ASN B 69 -31.27 -21.15 -31.97
N ALA B 70 -30.52 -21.44 -30.93
CA ALA B 70 -29.08 -21.57 -31.06
C ALA B 70 -28.72 -22.72 -30.16
N ASP B 71 -27.52 -23.26 -30.30
CA ASP B 71 -27.16 -24.36 -29.43
C ASP B 71 -26.88 -23.84 -28.04
N SER B 72 -26.91 -24.74 -27.07
CA SER B 72 -26.66 -24.38 -25.70
C SER B 72 -25.37 -25.03 -25.24
N ALA B 73 -24.78 -24.47 -24.19
CA ALA B 73 -23.56 -25.03 -23.63
C ALA B 73 -23.96 -25.66 -22.31
N THR B 74 -23.30 -26.75 -21.95
CA THR B 74 -23.61 -27.43 -20.71
C THR B 74 -22.34 -27.79 -19.97
N VAL B 75 -22.40 -27.76 -18.66
CA VAL B 75 -21.24 -28.10 -17.86
C VAL B 75 -21.72 -28.76 -16.58
N SER B 76 -21.00 -29.79 -16.16
CA SER B 76 -21.34 -30.52 -14.95
C SER B 76 -20.08 -30.92 -14.21
N TYR B 77 -20.19 -30.96 -12.89
CA TYR B 77 -19.08 -31.34 -12.05
C TYR B 77 -19.66 -32.05 -10.85
N ASP B 78 -19.07 -33.17 -10.48
CA ASP B 78 -19.56 -33.92 -9.33
C ASP B 78 -18.98 -33.32 -8.05
N VAL B 79 -19.86 -32.89 -7.16
CA VAL B 79 -19.44 -32.32 -5.91
C VAL B 79 -20.49 -32.47 -4.80
N ASP B 80 -20.02 -32.78 -3.60
CA ASP B 80 -20.88 -32.93 -2.46
C ASP B 80 -20.84 -31.60 -1.71
N LEU B 81 -21.86 -30.78 -1.92
CA LEU B 81 -21.95 -29.46 -1.29
C LEU B 81 -21.88 -29.50 0.25
N ASP B 82 -22.32 -30.60 0.84
CA ASP B 82 -22.30 -30.76 2.28
C ASP B 82 -20.88 -30.57 2.82
N ASN B 83 -19.90 -30.96 2.01
CA ASN B 83 -18.49 -30.85 2.40
C ASN B 83 -17.85 -29.56 1.92
N VAL B 84 -18.67 -28.61 1.47
CA VAL B 84 -18.12 -27.36 0.97
C VAL B 84 -18.77 -26.13 1.55
N LEU B 85 -20.08 -26.18 1.73
CA LEU B 85 -20.82 -25.05 2.28
C LEU B 85 -21.36 -25.26 3.69
N PRO B 86 -21.63 -24.16 4.39
CA PRO B 86 -22.18 -24.25 5.75
C PRO B 86 -23.61 -24.68 5.46
N GLU B 87 -24.36 -25.18 6.43
CA GLU B 87 -25.71 -25.59 6.07
C GLU B 87 -26.64 -24.41 5.78
N TRP B 88 -26.26 -23.22 6.21
CA TRP B 88 -27.06 -22.04 5.91
C TRP B 88 -26.21 -21.13 5.02
N VAL B 89 -26.81 -20.63 3.94
CA VAL B 89 -26.11 -19.78 3.00
C VAL B 89 -27.01 -18.73 2.43
N ARG B 90 -26.47 -17.94 1.51
CA ARG B 90 -27.22 -16.92 0.78
C ARG B 90 -26.94 -17.17 -0.70
N VAL B 91 -27.89 -16.85 -1.56
CA VAL B 91 -27.69 -17.04 -3.00
C VAL B 91 -27.77 -15.72 -3.72
N GLY B 92 -26.99 -15.57 -4.78
CA GLY B 92 -27.02 -14.32 -5.50
C GLY B 92 -26.39 -14.33 -6.88
N LEU B 93 -26.38 -13.15 -7.50
CA LEU B 93 -25.83 -12.96 -8.83
C LEU B 93 -24.72 -11.93 -8.73
N SER B 94 -23.59 -12.21 -9.37
CA SER B 94 -22.45 -11.32 -9.35
C SER B 94 -22.00 -11.02 -10.77
N ALA B 95 -21.46 -9.82 -11.00
CA ALA B 95 -20.98 -9.42 -12.33
C ALA B 95 -19.89 -8.35 -12.24
N SER B 96 -19.04 -8.26 -13.25
CA SER B 96 -17.99 -7.26 -13.24
C SER B 96 -17.49 -6.90 -14.64
N THR B 97 -16.76 -5.79 -14.69
CA THR B 97 -16.13 -5.30 -15.91
C THR B 97 -14.73 -4.90 -15.47
N GLY B 98 -13.87 -4.59 -16.44
CA GLY B 98 -12.52 -4.19 -16.09
C GLY B 98 -12.04 -3.11 -17.03
N LEU B 99 -11.10 -3.48 -17.89
CA LEU B 99 -10.56 -2.59 -18.90
C LEU B 99 -11.63 -2.57 -19.99
N TYR B 100 -12.02 -3.77 -20.41
CA TYR B 100 -13.06 -3.95 -21.40
C TYR B 100 -14.35 -3.97 -20.59
N LYS B 101 -15.48 -3.66 -21.22
CA LYS B 101 -16.73 -3.61 -20.50
C LYS B 101 -17.90 -4.30 -21.22
N GLU B 102 -19.04 -4.35 -20.53
CA GLU B 102 -20.25 -4.95 -21.05
C GLU B 102 -21.38 -4.67 -20.09
N THR B 103 -22.61 -4.64 -20.61
CA THR B 103 -23.73 -4.45 -19.70
C THR B 103 -23.96 -5.85 -19.14
N ASN B 104 -24.37 -5.91 -17.87
CA ASN B 104 -24.64 -7.17 -17.21
C ASN B 104 -26.03 -7.08 -16.61
N THR B 105 -27.02 -7.12 -17.50
CA THR B 105 -28.43 -7.00 -17.13
C THR B 105 -29.20 -8.29 -16.83
N ILE B 106 -29.93 -8.29 -15.73
CA ILE B 106 -30.73 -9.43 -15.35
C ILE B 106 -32.19 -9.02 -15.55
N LEU B 107 -32.90 -9.73 -16.44
CA LEU B 107 -34.29 -9.42 -16.72
C LEU B 107 -35.27 -10.20 -15.86
N SER B 108 -34.83 -11.34 -15.34
CA SER B 108 -35.66 -12.17 -14.46
C SER B 108 -34.79 -13.16 -13.71
N TRP B 109 -35.23 -13.55 -12.53
CA TRP B 109 -34.47 -14.49 -11.71
C TRP B 109 -35.40 -15.22 -10.76
N SER B 110 -35.32 -16.55 -10.75
CA SER B 110 -36.14 -17.35 -9.85
C SER B 110 -35.28 -18.46 -9.27
N PHE B 111 -35.59 -18.85 -8.03
CA PHE B 111 -34.85 -19.88 -7.29
C PHE B 111 -35.82 -20.76 -6.51
N THR B 112 -35.50 -22.04 -6.41
CA THR B 112 -36.32 -22.98 -5.66
C THR B 112 -35.40 -23.94 -4.94
N SER B 113 -35.63 -24.08 -3.64
CA SER B 113 -34.83 -24.94 -2.79
C SER B 113 -35.77 -25.83 -1.99
N LYS B 114 -35.53 -27.14 -2.06
CA LYS B 114 -36.34 -28.13 -1.34
C LYS B 114 -35.46 -29.05 -0.51
N LEU B 115 -35.92 -29.32 0.71
CA LEU B 115 -35.21 -30.18 1.65
C LEU B 115 -36.22 -31.13 2.30
N LYS B 116 -36.10 -32.44 2.05
CA LYS B 116 -37.00 -33.41 2.67
C LYS B 116 -36.27 -34.29 3.71
N SER B 117 -36.51 -34.03 5.00
CA SER B 117 -35.86 -34.77 6.10
C SER B 117 -36.39 -36.16 6.45
N ASN B 118 -36.03 -36.64 7.64
CA ASN B 118 -36.43 -37.98 8.12
C ASN B 118 -37.68 -38.05 9.01
N SER B 119 -38.82 -37.88 8.34
CA SER B 119 -40.16 -37.92 8.92
C SER B 119 -41.07 -37.97 7.71
N THR B 120 -42.18 -38.70 7.82
CA THR B 120 -43.11 -38.88 6.72
C THR B 120 -43.41 -37.62 5.89
N HIS B 121 -42.83 -37.60 4.69
CA HIS B 121 -42.98 -36.52 3.71
C HIS B 121 -42.85 -35.07 4.16
N GLU B 122 -42.15 -34.85 5.27
CA GLU B 122 -41.95 -33.50 5.77
C GLU B 122 -41.02 -32.80 4.78
N THR B 123 -41.53 -31.86 4.03
CA THR B 123 -40.70 -31.13 3.08
C THR B 123 -40.64 -29.64 3.36
N ASN B 124 -39.43 -29.10 3.44
CA ASN B 124 -39.22 -27.67 3.67
C ASN B 124 -38.84 -27.07 2.34
N ALA B 125 -39.49 -25.98 1.96
CA ALA B 125 -39.19 -25.38 0.68
C ALA B 125 -39.21 -23.85 0.65
N LEU B 126 -38.41 -23.29 -0.25
CA LEU B 126 -38.31 -21.86 -0.45
C LEU B 126 -38.32 -21.58 -1.94
N HIS B 127 -39.15 -20.65 -2.37
CA HIS B 127 -39.21 -20.32 -3.78
C HIS B 127 -39.51 -18.85 -4.01
N PHE B 128 -38.66 -18.20 -4.79
CA PHE B 128 -38.87 -16.80 -5.12
C PHE B 128 -38.70 -16.61 -6.63
N MET B 129 -39.44 -15.68 -7.20
CA MET B 129 -39.37 -15.44 -8.63
C MET B 129 -39.52 -13.96 -8.97
N PHE B 130 -38.48 -13.41 -9.56
CA PHE B 130 -38.47 -12.00 -9.94
C PHE B 130 -38.61 -11.88 -11.44
N ASN B 131 -39.78 -11.43 -11.90
CA ASN B 131 -40.02 -11.26 -13.32
C ASN B 131 -39.92 -9.78 -13.63
N GLN B 132 -39.74 -9.00 -12.57
CA GLN B 132 -39.63 -7.55 -12.69
C GLN B 132 -39.08 -6.99 -11.39
N PHE B 133 -38.05 -6.16 -11.50
CA PHE B 133 -37.42 -5.57 -10.33
C PHE B 133 -37.89 -4.14 -10.11
N SER B 134 -38.32 -3.84 -8.90
CA SER B 134 -38.78 -2.49 -8.60
C SER B 134 -37.60 -1.62 -8.14
N LYS B 135 -37.80 -0.31 -8.18
CA LYS B 135 -36.77 0.63 -7.76
C LYS B 135 -36.39 0.36 -6.31
N ASP B 136 -37.39 0.11 -5.47
CA ASP B 136 -37.17 -0.19 -4.06
C ASP B 136 -37.44 -1.68 -3.83
N GLN B 137 -36.41 -2.50 -4.00
CA GLN B 137 -36.52 -3.94 -3.85
C GLN B 137 -36.02 -4.34 -2.46
N LYS B 138 -36.91 -4.26 -1.48
CA LYS B 138 -36.54 -4.59 -0.11
C LYS B 138 -36.16 -6.03 0.20
N ASP B 139 -36.44 -6.96 -0.70
CA ASP B 139 -36.09 -8.36 -0.45
C ASP B 139 -34.78 -8.76 -1.14
N LEU B 140 -34.04 -7.75 -1.60
CA LEU B 140 -32.75 -7.97 -2.26
C LEU B 140 -31.65 -7.16 -1.56
N ILE B 141 -30.47 -7.75 -1.46
CA ILE B 141 -29.34 -7.05 -0.86
C ILE B 141 -28.40 -6.68 -2.00
N LEU B 142 -28.38 -5.40 -2.36
CA LEU B 142 -27.53 -4.93 -3.45
C LEU B 142 -26.19 -4.48 -2.91
N GLN B 143 -25.11 -4.98 -3.50
CA GLN B 143 -23.77 -4.62 -3.06
C GLN B 143 -23.05 -3.99 -4.25
N GLY B 144 -22.09 -3.12 -3.96
CA GLY B 144 -21.36 -2.48 -5.04
C GLY B 144 -22.24 -1.61 -5.91
N ASP B 145 -21.95 -1.58 -7.21
CA ASP B 145 -22.70 -0.76 -8.14
C ASP B 145 -24.05 -1.33 -8.55
N ALA B 146 -24.48 -2.40 -7.92
CA ALA B 146 -25.76 -3.00 -8.28
C ALA B 146 -26.94 -2.03 -8.06
N THR B 147 -27.90 -2.03 -8.98
CA THR B 147 -29.06 -1.15 -8.86
C THR B 147 -30.27 -1.78 -9.54
N THR B 148 -31.45 -1.51 -9.00
CA THR B 148 -32.68 -2.04 -9.58
C THR B 148 -33.56 -0.87 -9.96
N GLY B 149 -34.66 -1.16 -10.65
CA GLY B 149 -35.56 -0.10 -11.02
C GLY B 149 -35.61 0.22 -12.50
N THR B 150 -34.53 0.79 -13.04
CA THR B 150 -34.45 1.17 -14.46
C THR B 150 -35.32 0.22 -15.27
N ASP B 151 -36.59 0.62 -15.28
CA ASP B 151 -37.70 -0.09 -15.85
C ASP B 151 -37.62 -1.61 -15.79
N GLY B 152 -37.78 -2.08 -14.56
CA GLY B 152 -37.81 -3.49 -14.22
C GLY B 152 -36.59 -4.38 -14.35
N ASN B 153 -35.41 -3.83 -14.56
CA ASN B 153 -34.26 -4.69 -14.71
C ASN B 153 -33.20 -4.53 -13.62
N LEU B 154 -32.46 -5.59 -13.37
CA LEU B 154 -31.41 -5.53 -12.37
C LEU B 154 -30.09 -5.30 -13.12
N GLU B 155 -29.49 -4.14 -12.90
CA GLU B 155 -28.24 -3.80 -13.54
C GLU B 155 -27.12 -4.08 -12.53
N LEU B 156 -26.40 -5.18 -12.74
CA LEU B 156 -25.33 -5.56 -11.83
C LEU B 156 -24.13 -4.62 -11.81
N THR B 157 -23.79 -4.04 -12.95
CA THR B 157 -22.63 -3.13 -13.02
C THR B 157 -23.02 -1.74 -13.52
N ARG B 158 -22.12 -0.78 -13.31
CA ARG B 158 -22.33 0.62 -13.72
C ARG B 158 -22.79 0.81 -15.17
N VAL B 159 -23.87 1.57 -15.37
CA VAL B 159 -24.36 1.86 -16.72
C VAL B 159 -24.61 3.36 -16.74
N SER B 160 -24.14 4.02 -17.80
CA SER B 160 -24.30 5.46 -17.93
C SER B 160 -25.73 5.86 -18.25
N SER B 161 -26.04 7.14 -18.07
CA SER B 161 -27.36 7.69 -18.34
C SER B 161 -27.84 7.31 -19.74
N ASN B 162 -26.93 7.39 -20.71
CA ASN B 162 -27.25 7.06 -22.09
C ASN B 162 -27.34 5.55 -22.32
N GLY B 163 -26.83 4.77 -21.36
CA GLY B 163 -26.91 3.32 -21.46
C GLY B 163 -25.66 2.51 -21.77
N SER B 164 -24.48 3.11 -21.71
CA SER B 164 -23.26 2.36 -22.00
C SER B 164 -22.54 1.85 -20.76
N PRO B 165 -22.00 0.64 -20.84
CA PRO B 165 -21.28 -0.02 -19.75
C PRO B 165 -20.00 0.71 -19.30
N GLN B 166 -19.83 0.82 -18.00
CA GLN B 166 -18.66 1.47 -17.43
C GLN B 166 -17.62 0.43 -17.08
N GLY B 167 -16.35 0.72 -17.36
CA GLY B 167 -15.31 -0.23 -17.02
C GLY B 167 -15.10 -0.18 -15.51
N SER B 168 -14.33 -1.13 -14.97
CA SER B 168 -14.07 -1.17 -13.53
C SER B 168 -15.31 -1.02 -12.66
N SER B 169 -16.25 -1.94 -12.80
CA SER B 169 -17.47 -1.92 -12.02
C SER B 169 -17.68 -3.30 -11.38
N VAL B 170 -18.36 -3.33 -10.25
CA VAL B 170 -18.63 -4.57 -9.53
C VAL B 170 -19.99 -4.41 -8.86
N GLY B 171 -20.78 -5.48 -8.85
CA GLY B 171 -22.10 -5.40 -8.23
C GLY B 171 -22.65 -6.79 -8.02
N ARG B 172 -23.39 -6.97 -6.92
CA ARG B 172 -23.98 -8.26 -6.58
C ARG B 172 -25.40 -8.13 -6.06
N ALA B 173 -26.17 -9.20 -6.21
CA ALA B 173 -27.54 -9.20 -5.74
C ALA B 173 -27.72 -10.48 -4.96
N LEU B 174 -28.02 -10.37 -3.67
CA LEU B 174 -28.23 -11.55 -2.85
C LEU B 174 -29.64 -11.52 -2.31
N PHE B 175 -30.31 -12.68 -2.31
CA PHE B 175 -31.66 -12.74 -1.77
C PHE B 175 -31.56 -12.56 -0.26
N TYR B 176 -32.35 -11.63 0.26
CA TYR B 176 -32.36 -11.29 1.67
C TYR B 176 -32.35 -12.46 2.68
N ALA B 177 -33.36 -13.32 2.62
CA ALA B 177 -33.46 -14.45 3.53
C ALA B 177 -32.48 -15.58 3.25
N PRO B 178 -31.88 -16.15 4.31
CA PRO B 178 -30.93 -17.25 4.25
C PRO B 178 -31.59 -18.50 3.71
N VAL B 179 -30.78 -19.35 3.08
CA VAL B 179 -31.28 -20.59 2.51
C VAL B 179 -30.63 -21.79 3.19
N HIS B 180 -31.46 -22.75 3.58
CA HIS B 180 -30.97 -23.96 4.21
C HIS B 180 -30.71 -24.90 3.04
N ILE B 181 -29.45 -24.92 2.58
CA ILE B 181 -29.09 -25.72 1.42
C ILE B 181 -28.90 -27.22 1.64
N TRP B 182 -28.55 -27.62 2.86
CA TRP B 182 -28.41 -29.04 3.16
C TRP B 182 -28.63 -29.30 4.63
N GLU B 183 -28.96 -30.54 4.98
CA GLU B 183 -29.17 -30.89 6.38
C GLU B 183 -28.61 -32.29 6.61
N SER B 184 -27.77 -32.44 7.63
CA SER B 184 -27.16 -33.72 7.95
C SER B 184 -28.18 -34.79 8.29
N SER B 185 -29.24 -34.91 7.49
CA SER B 185 -30.27 -35.89 7.79
C SER B 185 -31.42 -35.90 6.79
N ALA B 186 -31.27 -35.19 5.69
CA ALA B 186 -32.34 -35.15 4.70
C ALA B 186 -32.22 -36.22 3.62
N VAL B 187 -33.33 -36.90 3.35
CA VAL B 187 -33.36 -37.94 2.33
C VAL B 187 -32.93 -37.34 1.00
N VAL B 188 -33.49 -36.18 0.67
CA VAL B 188 -33.17 -35.50 -0.58
C VAL B 188 -33.21 -33.98 -0.40
N ALA B 189 -32.18 -33.32 -0.92
CA ALA B 189 -32.07 -31.87 -0.88
C ALA B 189 -31.73 -31.45 -2.30
N SER B 190 -32.42 -30.44 -2.81
CA SER B 190 -32.14 -29.97 -4.17
C SER B 190 -32.52 -28.52 -4.34
N PHE B 191 -31.92 -27.88 -5.33
CA PHE B 191 -32.20 -26.48 -5.64
C PHE B 191 -32.05 -26.30 -7.15
N GLU B 192 -32.74 -25.29 -7.70
CA GLU B 192 -32.63 -25.02 -9.13
C GLU B 192 -32.78 -23.51 -9.33
N ALA B 193 -31.93 -22.95 -10.20
CA ALA B 193 -31.96 -21.51 -10.47
C ALA B 193 -32.02 -21.21 -11.94
N THR B 194 -32.76 -20.15 -12.27
CA THR B 194 -32.90 -19.71 -13.65
C THR B 194 -32.92 -18.19 -13.69
N PHE B 195 -32.20 -17.63 -14.65
CA PHE B 195 -32.19 -16.19 -14.82
C PHE B 195 -31.86 -15.86 -16.27
N THR B 196 -32.53 -14.85 -16.81
CA THR B 196 -32.29 -14.43 -18.18
C THR B 196 -31.45 -13.14 -18.18
N PHE B 197 -30.33 -13.17 -18.90
CA PHE B 197 -29.43 -12.04 -18.93
C PHE B 197 -29.34 -11.38 -20.29
N LEU B 198 -28.66 -10.24 -20.33
CA LEU B 198 -28.47 -9.47 -21.56
C LEU B 198 -27.08 -8.83 -21.50
N ILE B 199 -26.10 -9.46 -22.14
CA ILE B 199 -24.75 -8.93 -22.15
C ILE B 199 -24.49 -8.20 -23.45
N LYS B 200 -24.35 -6.88 -23.39
CA LYS B 200 -24.12 -6.05 -24.57
C LYS B 200 -22.90 -5.15 -24.42
N SER B 201 -21.93 -5.27 -25.33
CA SER B 201 -20.72 -4.47 -25.28
C SER B 201 -20.50 -3.74 -26.59
N PRO B 202 -20.31 -2.42 -26.54
CA PRO B 202 -20.07 -1.60 -27.72
C PRO B 202 -18.63 -1.78 -28.20
N ASP B 203 -17.68 -1.54 -27.31
CA ASP B 203 -16.26 -1.69 -27.62
C ASP B 203 -15.99 -3.18 -27.77
N SER B 204 -16.85 -3.84 -28.52
CA SER B 204 -16.75 -5.28 -28.72
C SER B 204 -15.38 -5.90 -28.45
N HIS B 205 -15.45 -6.87 -27.55
CA HIS B 205 -14.39 -7.67 -26.97
C HIS B 205 -14.83 -7.33 -25.55
N PRO B 206 -15.95 -7.92 -25.11
CA PRO B 206 -16.56 -7.74 -23.79
C PRO B 206 -15.90 -8.44 -22.61
N ALA B 207 -16.20 -7.95 -21.40
CA ALA B 207 -15.66 -8.51 -20.18
C ALA B 207 -16.44 -7.94 -19.00
N ASP B 208 -16.61 -8.72 -17.94
CA ASP B 208 -15.85 -9.95 -17.73
C ASP B 208 -16.76 -11.16 -17.50
N GLY B 209 -18.05 -10.91 -17.32
CA GLY B 209 -18.97 -12.02 -17.14
C GLY B 209 -19.93 -11.87 -15.99
N ILE B 210 -20.81 -12.86 -15.88
CA ILE B 210 -21.83 -12.90 -14.83
C ILE B 210 -21.73 -14.27 -14.19
N ALA B 211 -21.97 -14.37 -12.89
CA ALA B 211 -21.90 -15.65 -12.21
C ALA B 211 -23.01 -15.81 -11.18
N PHE B 212 -23.56 -17.01 -11.11
CA PHE B 212 -24.59 -17.29 -10.12
C PHE B 212 -23.74 -17.88 -9.00
N PHE B 213 -23.85 -17.36 -7.78
CA PHE B 213 -23.04 -17.90 -6.69
C PHE B 213 -23.80 -18.20 -5.40
N ILE B 214 -23.18 -19.04 -4.58
CA ILE B 214 -23.72 -19.44 -3.30
C ILE B 214 -22.59 -19.18 -2.31
N SER B 215 -22.89 -18.49 -1.21
CA SER B 215 -21.86 -18.17 -0.22
C SER B 215 -22.35 -18.13 1.22
N ASN B 216 -21.42 -17.89 2.13
CA ASN B 216 -21.76 -17.78 3.54
C ASN B 216 -22.67 -16.57 3.67
N ILE B 217 -23.63 -16.68 4.58
CA ILE B 217 -24.62 -15.64 4.81
C ILE B 217 -24.11 -14.21 4.73
N ASP B 218 -22.96 -13.95 5.36
CA ASP B 218 -22.40 -12.61 5.43
C ASP B 218 -21.32 -12.25 4.42
N SER B 219 -21.40 -12.83 3.23
CA SER B 219 -20.40 -12.53 2.21
C SER B 219 -20.52 -11.09 1.70
N SER B 220 -19.38 -10.52 1.31
CA SER B 220 -19.32 -9.16 0.78
C SER B 220 -18.28 -9.14 -0.34
N ILE B 221 -18.29 -8.08 -1.16
CA ILE B 221 -17.36 -7.96 -2.27
C ILE B 221 -15.93 -7.73 -1.82
N PRO B 222 -15.01 -8.65 -2.19
CA PRO B 222 -13.59 -8.51 -1.81
C PRO B 222 -13.03 -7.31 -2.55
N SER B 223 -12.14 -6.57 -1.92
CA SER B 223 -11.56 -5.39 -2.56
C SER B 223 -10.73 -5.80 -3.77
N GLY B 224 -10.82 -5.02 -4.84
CA GLY B 224 -10.04 -5.31 -6.03
C GLY B 224 -10.50 -6.53 -6.78
N SER B 225 -11.75 -6.91 -6.58
CA SER B 225 -12.29 -8.07 -7.27
C SER B 225 -13.04 -7.63 -8.54
N THR B 226 -12.49 -6.65 -9.23
CA THR B 226 -13.08 -6.18 -10.48
C THR B 226 -12.51 -7.05 -11.58
N GLY B 227 -12.91 -6.79 -12.82
CA GLY B 227 -12.40 -7.56 -13.94
C GLY B 227 -12.43 -9.08 -13.76
N ARG B 228 -11.32 -9.73 -14.09
CA ARG B 228 -11.18 -11.18 -14.01
C ARG B 228 -11.65 -11.88 -12.74
N LEU B 229 -11.80 -11.15 -11.64
CA LEU B 229 -12.23 -11.80 -10.40
C LEU B 229 -13.75 -11.95 -10.23
N LEU B 230 -14.51 -11.37 -11.16
CA LEU B 230 -15.97 -11.47 -11.15
C LEU B 230 -16.68 -11.05 -9.87
N GLY B 231 -16.00 -10.26 -9.04
CA GLY B 231 -16.59 -9.81 -7.80
C GLY B 231 -16.89 -10.96 -6.86
N LEU B 232 -16.10 -12.02 -6.96
CA LEU B 232 -16.26 -13.19 -6.12
C LEU B 232 -15.03 -13.59 -5.33
N PHE B 233 -13.86 -13.46 -5.95
CA PHE B 233 -12.61 -13.86 -5.31
C PHE B 233 -11.62 -12.73 -5.11
N PRO B 234 -10.82 -12.83 -4.03
CA PRO B 234 -9.79 -11.82 -3.70
C PRO B 234 -8.47 -12.01 -4.44
N ASP B 235 -8.27 -13.21 -4.99
CA ASP B 235 -7.06 -13.52 -5.76
C ASP B 235 -7.32 -14.68 -6.72
N ALA B 236 -6.38 -14.94 -7.62
CA ALA B 236 -6.54 -16.03 -8.59
C ALA B 236 -5.87 -17.33 -8.15
N ASN B 237 -6.05 -17.73 -6.89
CA ASN B 237 -5.46 -18.97 -6.38
C ASN B 237 -6.44 -20.13 -6.39
N ALA C 1 63.83 21.32 1.51
CA ALA C 1 62.60 22.01 1.02
C ALA C 1 61.40 21.09 1.14
N ASP C 2 60.71 20.86 0.04
CA ASP C 2 59.55 20.01 0.02
C ASP C 2 59.94 18.62 -0.46
N THR C 3 59.10 17.63 -0.24
CA THR C 3 59.38 16.29 -0.70
C THR C 3 58.49 16.11 -1.91
N ILE C 4 59.10 16.02 -3.08
CA ILE C 4 58.33 15.87 -4.31
C ILE C 4 58.44 14.52 -5.01
N VAL C 5 57.34 14.11 -5.60
CA VAL C 5 57.27 12.87 -6.36
C VAL C 5 56.38 13.26 -7.54
N ALA C 6 56.94 13.20 -8.74
CA ALA C 6 56.16 13.61 -9.91
C ALA C 6 56.36 12.84 -11.19
N VAL C 7 55.35 12.92 -12.06
CA VAL C 7 55.37 12.31 -13.37
C VAL C 7 55.36 13.54 -14.26
N GLU C 8 56.48 13.80 -14.90
CA GLU C 8 56.60 14.97 -15.76
C GLU C 8 56.42 14.69 -17.23
N LEU C 9 55.80 15.64 -17.93
CA LEU C 9 55.59 15.59 -19.36
C LEU C 9 56.55 16.67 -19.84
N ASP C 10 57.81 16.29 -20.02
CA ASP C 10 58.84 17.24 -20.43
C ASP C 10 58.83 17.54 -21.93
N THR C 11 58.55 18.78 -22.32
CA THR C 11 58.51 19.12 -23.73
C THR C 11 59.83 19.61 -24.34
N TYR C 12 60.76 20.08 -23.51
CA TYR C 12 62.06 20.56 -24.01
C TYR C 12 63.24 19.78 -23.40
N PRO C 13 64.20 19.34 -24.24
CA PRO C 13 65.38 18.58 -23.83
C PRO C 13 66.55 19.41 -23.27
N ASN C 14 66.65 19.47 -21.95
CA ASN C 14 67.72 20.19 -21.30
C ASN C 14 68.79 19.16 -20.98
N THR C 15 69.55 18.79 -22.00
CA THR C 15 70.60 17.80 -21.81
C THR C 15 71.61 18.21 -20.74
N ASP C 16 71.80 19.51 -20.57
CA ASP C 16 72.73 20.03 -19.57
C ASP C 16 72.41 19.59 -18.15
N ILE C 17 71.31 18.84 -17.98
CA ILE C 17 70.93 18.34 -16.67
C ILE C 17 70.25 16.97 -16.73
N GLY C 18 70.66 16.12 -17.67
CA GLY C 18 70.08 14.78 -17.74
C GLY C 18 69.00 14.46 -18.77
N ASP C 19 68.21 15.45 -19.17
CA ASP C 19 67.15 15.23 -20.15
C ASP C 19 67.60 14.48 -21.39
N PRO C 20 66.77 13.55 -21.88
CA PRO C 20 67.16 12.83 -23.09
C PRO C 20 67.05 13.83 -24.25
N SER C 21 67.64 13.51 -25.40
CA SER C 21 67.59 14.42 -26.55
C SER C 21 66.25 14.40 -27.24
N TYR C 22 65.16 14.53 -26.48
CA TYR C 22 63.82 14.50 -27.09
C TYR C 22 62.72 14.67 -26.06
N PRO C 23 61.54 15.12 -26.51
CA PRO C 23 60.43 15.29 -25.56
C PRO C 23 60.24 13.95 -24.87
N HIS C 24 59.93 13.99 -23.58
CA HIS C 24 59.78 12.75 -22.85
C HIS C 24 58.86 12.82 -21.65
N ILE C 25 58.56 11.64 -21.10
CA ILE C 25 57.74 11.46 -19.93
C ILE C 25 58.73 10.93 -18.90
N GLY C 26 58.58 11.33 -17.65
CA GLY C 26 59.51 10.87 -16.66
C GLY C 26 58.95 10.79 -15.26
N ILE C 27 59.67 10.07 -14.41
CA ILE C 27 59.25 9.91 -13.04
C ILE C 27 60.35 10.52 -12.18
N ASP C 28 60.01 11.59 -11.48
CA ASP C 28 60.95 12.28 -10.64
C ASP C 28 60.70 11.95 -9.20
N ILE C 29 61.76 11.56 -8.50
CA ILE C 29 61.67 11.26 -7.09
C ILE C 29 62.62 12.19 -6.36
N LYS C 30 62.08 13.29 -5.84
CA LYS C 30 62.86 14.28 -5.11
C LYS C 30 63.99 14.92 -5.91
N SER C 31 63.93 14.84 -7.24
CA SER C 31 64.95 15.43 -8.09
C SER C 31 64.45 15.64 -9.50
N VAL C 32 64.88 16.71 -10.14
CA VAL C 32 64.45 16.98 -11.49
C VAL C 32 65.07 15.99 -12.48
N ARG C 33 66.08 15.25 -12.01
CA ARG C 33 66.74 14.24 -12.85
C ARG C 33 66.00 12.91 -12.74
N SER C 34 65.00 12.75 -13.62
CA SER C 34 64.15 11.56 -13.66
C SER C 34 64.88 10.25 -13.40
N LYS C 35 64.34 9.41 -12.53
CA LYS C 35 64.94 8.12 -12.25
C LYS C 35 64.72 7.24 -13.48
N LYS C 36 63.80 7.65 -14.35
CA LYS C 36 63.50 6.89 -15.54
C LYS C 36 62.68 7.73 -16.52
N THR C 37 62.96 7.59 -17.81
CA THR C 37 62.24 8.33 -18.84
C THR C 37 61.84 7.45 -20.02
N ALA C 38 60.98 8.01 -20.87
CA ALA C 38 60.49 7.33 -22.05
C ALA C 38 60.17 8.38 -23.12
N LYS C 39 60.66 8.13 -24.33
CA LYS C 39 60.44 8.96 -25.50
C LYS C 39 58.96 9.32 -25.62
N TRP C 40 58.65 10.55 -25.99
CA TRP C 40 57.25 10.95 -26.13
C TRP C 40 57.03 11.80 -27.36
N ASN C 41 56.31 11.25 -28.34
CA ASN C 41 56.01 11.93 -29.60
C ASN C 41 54.89 12.93 -29.41
N MET C 42 55.25 14.02 -28.72
CA MET C 42 54.35 15.10 -28.40
C MET C 42 53.73 15.70 -29.67
N GLN C 43 52.48 16.10 -29.57
CA GLN C 43 51.82 16.68 -30.72
C GLN C 43 51.20 18.03 -30.43
N ASN C 44 51.99 19.01 -30.92
CA ASN C 44 51.68 20.41 -30.73
C ASN C 44 50.27 20.70 -31.01
N GLY C 45 49.68 21.24 -30.03
CA GLY C 45 47.95 21.59 -30.79
C GLY C 45 46.92 20.49 -30.59
N LYS C 46 47.34 19.29 -30.20
CA LYS C 46 46.42 18.17 -30.00
C LYS C 46 46.10 17.92 -28.53
N VAL C 47 44.86 17.54 -28.25
CA VAL C 47 44.44 17.23 -26.90
C VAL C 47 44.91 15.81 -26.54
N GLY C 48 45.60 15.69 -25.40
CA GLY C 48 46.11 14.40 -24.97
C GLY C 48 45.63 13.95 -23.60
N THR C 49 45.95 12.70 -23.25
CA THR C 49 45.56 12.14 -21.97
C THR C 49 46.73 11.54 -21.23
N ALA C 50 46.74 11.75 -19.92
CA ALA C 50 47.78 11.23 -19.04
C ALA C 50 47.14 10.34 -18.02
N HIS C 51 47.83 9.24 -17.71
CA HIS C 51 47.33 8.25 -16.75
C HIS C 51 48.44 7.81 -15.80
N ILE C 52 48.27 8.10 -14.51
CA ILE C 52 49.26 7.70 -13.52
C ILE C 52 48.59 6.71 -12.56
N ILE C 53 49.25 5.59 -12.29
CA ILE C 53 48.70 4.57 -11.38
C ILE C 53 49.76 4.03 -10.43
N TYR C 54 49.31 3.57 -9.26
CA TYR C 54 50.20 3.04 -8.25
C TYR C 54 49.42 2.21 -7.24
N ASN C 55 50.03 1.14 -6.76
CA ASN C 55 49.43 0.29 -5.72
C ASN C 55 50.55 -0.22 -4.80
N SER C 56 50.25 -0.32 -3.52
CA SER C 56 51.23 -0.75 -2.53
C SER C 56 51.64 -2.22 -2.62
N VAL C 57 50.83 -3.04 -3.29
CA VAL C 57 51.16 -4.46 -3.40
C VAL C 57 52.36 -4.66 -4.31
N ASP C 58 52.40 -3.93 -5.41
CA ASP C 58 53.49 -4.02 -6.37
C ASP C 58 54.53 -2.93 -6.16
N LYS C 59 54.12 -1.86 -5.50
CA LYS C 59 55.01 -0.73 -5.25
C LYS C 59 55.67 -0.30 -6.54
N ARG C 60 54.86 -0.18 -7.60
CA ARG C 60 55.33 0.21 -8.91
C ARG C 60 54.51 1.38 -9.44
N LEU C 61 55.18 2.51 -9.70
CA LEU C 61 54.51 3.71 -10.20
C LEU C 61 54.63 3.72 -11.72
N SER C 62 53.49 3.74 -12.41
CA SER C 62 53.49 3.73 -13.87
C SER C 62 52.63 4.85 -14.45
N ALA C 63 53.06 5.34 -15.61
CA ALA C 63 52.33 6.41 -16.27
C ALA C 63 52.14 6.13 -17.76
N VAL C 64 51.02 6.61 -18.31
CA VAL C 64 50.71 6.42 -19.73
C VAL C 64 50.18 7.74 -20.29
N VAL C 65 50.79 8.20 -21.37
CA VAL C 65 50.37 9.43 -22.01
C VAL C 65 50.07 9.04 -23.44
N SER C 66 48.93 9.47 -23.98
CA SER C 66 48.63 9.11 -25.35
C SER C 66 47.80 10.16 -26.03
N TYR C 67 47.64 9.98 -27.35
CA TYR C 67 46.86 10.87 -28.18
C TYR C 67 45.95 10.00 -29.02
N PRO C 68 44.74 10.49 -29.32
CA PRO C 68 43.81 9.69 -30.13
C PRO C 68 44.46 9.12 -31.40
N ASN C 69 44.28 7.81 -31.59
CA ASN C 69 44.79 7.12 -32.78
C ASN C 69 46.29 7.27 -33.02
N ALA C 70 47.06 7.30 -31.94
CA ALA C 70 48.50 7.43 -32.06
C ALA C 70 49.05 6.52 -31.00
N ASP C 71 50.34 6.21 -31.06
CA ASP C 71 50.87 5.34 -30.04
C ASP C 71 51.00 6.10 -28.73
N SER C 72 51.16 5.36 -27.65
CA SER C 72 51.28 5.97 -26.35
C SER C 72 52.66 5.63 -25.80
N ALA C 73 53.11 6.44 -24.85
CA ALA C 73 54.40 6.23 -24.21
C ALA C 73 54.09 5.75 -22.82
N THR C 74 54.94 4.88 -22.29
CA THR C 74 54.72 4.35 -20.98
C THR C 74 56.01 4.36 -20.19
N VAL C 75 55.90 4.61 -18.90
CA VAL C 75 57.08 4.63 -18.05
C VAL C 75 56.69 4.07 -16.68
N SER C 76 57.58 3.28 -16.10
CA SER C 76 57.37 2.67 -14.79
C SER C 76 58.65 2.63 -14.00
N TYR C 77 58.53 2.77 -12.69
CA TYR C 77 59.68 2.74 -11.82
C TYR C 77 59.21 2.10 -10.53
N ASP C 78 60.01 1.21 -9.98
CA ASP C 78 59.63 0.56 -8.75
C ASP C 78 60.05 1.45 -7.58
N VAL C 79 59.08 1.84 -6.76
CA VAL C 79 59.36 2.68 -5.61
C VAL C 79 58.33 2.50 -4.51
N ASP C 80 58.82 2.44 -3.27
CA ASP C 80 57.97 2.29 -2.10
C ASP C 80 57.74 3.70 -1.55
N LEU C 81 56.61 4.30 -1.91
CA LEU C 81 56.26 5.64 -1.47
C LEU C 81 56.30 5.83 0.06
N ASP C 82 56.04 4.76 0.80
CA ASP C 82 56.06 4.82 2.27
C ASP C 82 57.40 5.37 2.76
N ASN C 83 58.46 5.07 2.02
CA ASN C 83 59.81 5.48 2.39
C ASN C 83 60.20 6.78 1.70
N VAL C 84 59.22 7.47 1.14
CA VAL C 84 59.51 8.71 0.44
C VAL C 84 58.61 9.88 0.82
N LEU C 85 57.34 9.59 1.04
CA LEU C 85 56.38 10.63 1.37
C LEU C 85 55.85 10.54 2.78
N PRO C 86 55.36 11.67 3.31
CA PRO C 86 54.82 11.67 4.67
C PRO C 86 53.50 10.93 4.47
N GLU C 87 52.84 10.46 5.51
CA GLU C 87 51.61 9.73 5.22
C GLU C 87 50.46 10.63 4.75
N TRP C 88 50.57 11.93 5.02
CA TRP C 88 49.57 12.88 4.54
C TRP C 88 50.27 13.79 3.53
N VAL C 89 49.62 14.00 2.39
CA VAL C 89 50.19 14.84 1.32
C VAL C 89 49.09 15.60 0.59
N ARG C 90 49.49 16.30 -0.45
CA ARG C 90 48.57 17.03 -1.31
C ARG C 90 48.94 16.64 -2.73
N VAL C 91 47.97 16.63 -3.63
CA VAL C 91 48.24 16.27 -5.02
C VAL C 91 47.93 17.45 -5.93
N GLY C 92 48.70 17.58 -7.00
CA GLY C 92 48.46 18.68 -7.91
C GLY C 92 49.07 18.56 -9.29
N LEU C 93 48.91 19.65 -10.05
CA LEU C 93 49.44 19.75 -11.40
C LEU C 93 50.32 20.98 -11.46
N SER C 94 51.50 20.82 -12.03
CA SER C 94 52.46 21.93 -12.17
C SER C 94 52.88 22.07 -13.62
N ALA C 95 53.20 23.30 -14.03
CA ALA C 95 53.65 23.58 -15.41
C ALA C 95 54.50 24.85 -15.48
N SER C 96 55.34 24.94 -16.49
CA SER C 96 56.18 26.13 -16.64
C SER C 96 56.67 26.36 -18.06
N THR C 97 57.14 27.58 -18.30
CA THR C 97 57.70 27.98 -19.59
C THR C 97 58.98 28.71 -19.22
N GLY C 98 59.81 29.02 -20.21
CA GLY C 98 61.04 29.72 -19.92
C GLY C 98 61.32 30.73 -21.01
N LEU C 99 62.33 30.43 -21.81
CA LEU C 99 62.71 31.27 -22.94
C LEU C 99 61.68 30.91 -24.02
N TYR C 100 61.51 29.61 -24.23
CA TYR C 100 60.56 29.06 -25.19
C TYR C 100 59.29 28.89 -24.38
N LYS C 101 58.15 28.90 -25.05
CA LYS C 101 56.89 28.82 -24.34
C LYS C 101 55.90 27.81 -24.93
N GLU C 102 54.76 27.67 -24.27
CA GLU C 102 53.71 26.76 -24.70
C GLU C 102 52.52 26.96 -23.78
N THR C 103 51.32 26.68 -24.28
CA THR C 103 50.16 26.78 -23.41
C THR C 103 50.23 25.47 -22.65
N ASN C 104 49.75 25.49 -21.41
CA ASN C 104 49.73 24.31 -20.56
C ASN C 104 48.32 24.24 -19.99
N THR C 105 47.38 23.88 -20.86
CA THR C 105 45.96 23.81 -20.51
C THR C 105 45.45 22.44 -20.03
N ILE C 106 44.72 22.46 -18.92
CA ILE C 106 44.16 21.24 -18.37
C ILE C 106 42.67 21.33 -18.62
N LEU C 107 42.12 20.37 -19.36
CA LEU C 107 40.70 20.38 -19.69
C LEU C 107 39.88 19.54 -18.71
N SER C 108 40.53 18.57 -18.08
CA SER C 108 39.84 17.74 -17.08
C SER C 108 40.86 17.08 -16.16
N TRP C 109 40.45 16.77 -14.94
CA TRP C 109 41.34 16.15 -13.98
C TRP C 109 40.56 15.40 -12.93
N SER C 110 40.91 14.14 -12.73
CA SER C 110 40.25 13.33 -11.71
C SER C 110 41.28 12.50 -10.97
N PHE C 111 41.02 12.25 -9.68
CA PHE C 111 41.91 11.50 -8.83
C PHE C 111 41.09 10.56 -7.94
N THR C 112 41.66 9.42 -7.60
CA THR C 112 40.99 8.46 -6.72
C THR C 112 42.06 7.83 -5.82
N SER C 113 41.80 7.86 -4.53
CA SER C 113 42.74 7.30 -3.57
C SER C 113 41.99 6.34 -2.65
N LYS C 114 42.50 5.12 -2.52
CA LYS C 114 41.88 4.11 -1.66
C LYS C 114 42.90 3.51 -0.71
N LEU C 115 42.47 3.33 0.53
CA LEU C 115 43.29 2.77 1.58
C LEU C 115 42.42 1.73 2.30
N LYS C 116 42.69 0.45 2.06
CA LYS C 116 41.91 -0.63 2.67
C LYS C 116 42.73 -1.23 3.83
N SER C 117 42.37 -0.81 5.05
CA SER C 117 43.05 -1.22 6.30
C SER C 117 42.80 -2.60 6.90
N ASN C 118 43.50 -2.89 8.01
CA ASN C 118 43.42 -4.16 8.74
C ASN C 118 42.09 -4.40 9.42
N SER C 119 41.01 -4.34 8.62
CA SER C 119 39.63 -4.58 9.05
C SER C 119 39.05 -5.31 7.84
N THR C 120 37.78 -5.64 7.87
CA THR C 120 37.16 -6.33 6.75
C THR C 120 36.36 -5.41 5.83
N HIS C 121 36.83 -5.25 4.58
CA HIS C 121 36.19 -4.37 3.60
C HIS C 121 36.08 -2.93 4.14
N GLU C 122 36.77 -2.67 5.25
CA GLU C 122 36.83 -1.36 5.91
C GLU C 122 37.78 -0.52 5.06
N THR C 123 37.23 0.19 4.10
CA THR C 123 38.00 0.98 3.16
C THR C 123 37.78 2.48 3.28
N ASN C 124 38.87 3.25 3.19
CA ASN C 124 38.78 4.71 3.21
C ASN C 124 39.08 5.19 1.79
N ALA C 125 38.23 6.05 1.24
CA ALA C 125 38.45 6.52 -0.13
C ALA C 125 38.15 7.98 -0.37
N LEU C 126 38.86 8.54 -1.34
CA LEU C 126 38.70 9.93 -1.75
C LEU C 126 38.69 9.96 -3.27
N HIS C 127 37.72 10.67 -3.82
CA HIS C 127 37.63 10.78 -5.26
C HIS C 127 37.06 12.12 -5.69
N PHE C 128 37.77 12.79 -6.58
CA PHE C 128 37.30 14.05 -7.12
C PHE C 128 37.45 14.01 -8.64
N MET C 129 36.58 14.71 -9.33
CA MET C 129 36.63 14.74 -10.78
C MET C 129 36.20 16.08 -11.35
N PHE C 130 37.15 16.75 -12.00
CA PHE C 130 36.90 18.05 -12.60
C PHE C 130 36.77 17.91 -14.11
N ASN C 131 35.56 18.06 -14.62
CA ASN C 131 35.32 17.98 -16.05
C ASN C 131 35.14 19.38 -16.57
N GLN C 132 35.14 20.33 -15.65
CA GLN C 132 34.96 21.72 -15.99
C GLN C 132 35.39 22.59 -14.83
N PHE C 133 36.26 23.56 -15.08
CA PHE C 133 36.75 24.45 -14.02
C PHE C 133 36.03 25.79 -13.99
N SER C 134 35.47 26.13 -12.84
CA SER C 134 34.76 27.41 -12.72
C SER C 134 35.71 28.56 -12.39
N LYS C 135 35.26 29.79 -12.64
CA LYS C 135 36.06 30.96 -12.36
C LYS C 135 36.44 30.99 -10.87
N ASP C 136 35.49 30.67 -10.00
CA ASP C 136 35.75 30.64 -8.57
C ASP C 136 35.77 29.19 -8.10
N GLN C 137 36.94 28.56 -8.18
CA GLN C 137 37.11 27.15 -7.82
C GLN C 137 37.63 27.04 -6.37
N LYS C 138 36.73 27.10 -5.40
CA LYS C 138 37.12 27.06 -3.99
C LYS C 138 37.77 25.80 -3.48
N ASP C 139 37.69 24.70 -4.23
CA ASP C 139 38.29 23.45 -3.78
C ASP C 139 39.68 23.21 -4.39
N LEU C 140 40.22 24.26 -5.00
CA LEU C 140 41.54 24.19 -5.61
C LEU C 140 42.43 25.30 -5.05
N ILE C 141 43.70 24.99 -4.86
CA ILE C 141 44.66 25.98 -4.39
C ILE C 141 45.51 26.33 -5.60
N LEU C 142 45.31 27.54 -6.14
CA LEU C 142 46.09 27.97 -7.29
C LEU C 142 47.31 28.75 -6.82
N GLN C 143 48.48 28.40 -7.33
CA GLN C 143 49.70 29.08 -6.96
C GLN C 143 50.34 29.66 -8.23
N GLY C 144 51.11 30.73 -8.08
CA GLY C 144 51.74 31.33 -9.24
C GLY C 144 50.74 31.89 -10.23
N ASP C 145 51.05 31.77 -11.51
CA ASP C 145 50.19 32.28 -12.55
C ASP C 145 48.97 31.42 -12.87
N ALA C 146 48.71 30.39 -12.08
CA ALA C 146 47.57 29.51 -12.33
C ALA C 146 46.23 30.25 -12.26
N THR C 147 45.33 29.93 -13.18
CA THR C 147 44.02 30.56 -13.21
C THR C 147 42.98 29.61 -13.80
N THR C 148 41.75 29.71 -13.31
CA THR C 148 40.67 28.86 -13.80
C THR C 148 39.57 29.77 -14.34
N GLY C 149 38.56 29.17 -14.96
CA GLY C 149 37.46 29.95 -15.48
C GLY C 149 37.37 30.05 -16.99
N THR C 150 38.35 30.71 -17.61
CA THR C 150 38.39 30.87 -19.06
C THR C 150 37.86 29.65 -19.82
N ASP C 151 36.57 29.62 -20.13
CA ASP C 151 36.01 28.49 -20.87
C ASP C 151 36.00 27.15 -20.12
N GLY C 152 36.01 27.18 -18.79
CA GLY C 152 36.01 25.92 -18.04
C GLY C 152 37.33 25.17 -18.05
N ASN C 153 38.43 25.87 -18.39
CA ASN C 153 39.74 25.23 -18.43
C ASN C 153 40.69 25.75 -17.38
N LEU C 154 41.66 24.93 -17.00
CA LEU C 154 42.66 25.33 -16.03
C LEU C 154 43.92 25.70 -16.81
N GLU C 155 44.29 26.98 -16.78
CA GLU C 155 45.48 27.45 -17.46
C GLU C 155 46.60 27.55 -16.43
N LEU C 156 47.52 26.60 -16.45
CA LEU C 156 48.62 26.58 -15.48
C LEU C 156 49.63 27.72 -15.61
N THR C 157 49.86 28.20 -16.84
CA THR C 157 50.81 29.28 -17.04
C THR C 157 50.18 30.47 -17.75
N ARG C 158 50.85 31.62 -17.69
CA ARG C 158 50.39 32.86 -18.30
C ARG C 158 49.95 32.73 -19.75
N VAL C 159 48.76 33.24 -20.06
CA VAL C 159 48.27 33.23 -21.43
C VAL C 159 47.73 34.63 -21.72
N SER C 160 48.09 35.19 -22.87
CA SER C 160 47.66 36.54 -23.21
C SER C 160 46.18 36.61 -23.57
N SER C 161 45.64 37.83 -23.57
CA SER C 161 44.24 38.06 -23.91
C SER C 161 43.88 37.38 -25.24
N ASN C 162 44.79 37.47 -26.21
CA ASN C 162 44.58 36.88 -27.53
C ASN C 162 44.80 35.37 -27.51
N GLY C 163 45.41 34.86 -26.45
CA GLY C 163 45.61 33.43 -26.33
C GLY C 163 46.99 32.83 -26.52
N SER C 164 48.04 33.65 -26.58
CA SER C 164 49.38 33.11 -26.76
C SER C 164 50.15 32.97 -25.45
N PRO C 165 50.92 31.88 -25.32
CA PRO C 165 51.73 31.54 -24.15
C PRO C 165 52.82 32.56 -23.84
N GLN C 166 52.93 32.93 -22.55
CA GLN C 166 53.93 33.87 -22.10
C GLN C 166 55.13 33.09 -21.59
N GLY C 167 56.33 33.58 -21.89
CA GLY C 167 57.52 32.89 -21.41
C GLY C 167 57.70 33.20 -19.93
N SER C 168 58.62 32.50 -19.28
CA SER C 168 58.89 32.73 -17.86
C SER C 168 57.62 32.77 -17.01
N SER C 169 56.88 31.67 -17.01
CA SER C 169 55.65 31.58 -16.22
C SER C 169 55.68 30.30 -15.41
N VAL C 170 54.99 30.31 -14.27
CA VAL C 170 54.92 29.14 -13.40
C VAL C 170 53.55 29.16 -12.75
N GLY C 171 52.96 27.97 -12.61
CA GLY C 171 51.64 27.88 -12.01
C GLY C 171 51.38 26.47 -11.54
N ARG C 172 50.65 26.34 -10.43
CA ARG C 172 50.32 25.03 -9.88
C ARG C 172 48.89 24.96 -9.42
N ALA C 173 48.35 23.75 -9.39
CA ALA C 173 46.98 23.54 -8.92
C ALA C 173 47.03 22.36 -7.95
N LEU C 174 46.68 22.62 -6.69
CA LEU C 174 46.68 21.57 -5.68
C LEU C 174 45.26 21.39 -5.16
N PHE C 175 44.83 20.14 -5.00
CA PHE C 175 43.50 19.89 -4.45
C PHE C 175 43.53 20.28 -2.97
N TYR C 176 42.57 21.12 -2.59
CA TYR C 176 42.44 21.65 -1.24
C TYR C 176 42.66 20.67 -0.07
N ALA C 177 41.83 19.63 -0.01
CA ALA C 177 41.93 18.65 1.06
C ALA C 177 43.12 17.70 0.96
N PRO C 178 43.79 17.43 2.08
CA PRO C 178 44.96 16.54 2.15
C PRO C 178 44.54 15.11 1.80
N VAL C 179 45.51 14.33 1.34
CA VAL C 179 45.26 12.95 0.95
C VAL C 179 46.11 12.04 1.81
N HIS C 180 45.49 11.00 2.33
CA HIS C 180 46.19 10.03 3.17
C HIS C 180 46.66 9.01 2.14
N ILE C 181 47.90 9.14 1.71
CA ILE C 181 48.45 8.28 0.68
C ILE C 181 48.92 6.88 1.12
N TRP C 182 49.28 6.74 2.38
CA TRP C 182 49.69 5.44 2.88
C TRP C 182 49.49 5.37 4.40
N GLU C 183 49.41 4.15 4.93
CA GLU C 183 49.24 3.98 6.36
C GLU C 183 50.03 2.76 6.78
N SER C 184 50.86 2.92 7.83
CA SER C 184 51.70 1.84 8.34
C SER C 184 50.90 0.65 8.81
N SER C 185 49.92 0.20 8.04
CA SER C 185 49.10 -0.92 8.50
C SER C 185 48.00 -1.32 7.52
N ALA C 186 47.99 -0.72 6.34
CA ALA C 186 46.95 -1.04 5.37
C ALA C 186 47.32 -2.23 4.50
N VAL C 187 46.33 -3.10 4.26
CA VAL C 187 46.54 -4.28 3.43
C VAL C 187 46.87 -3.82 2.01
N VAL C 188 46.11 -2.84 1.52
CA VAL C 188 46.33 -2.32 0.18
C VAL C 188 46.00 -0.84 0.11
N ALA C 189 46.92 -0.07 -0.49
CA ALA C 189 46.74 1.37 -0.66
C ALA C 189 47.03 1.66 -2.12
N SER C 190 46.15 2.38 -2.80
CA SER C 190 46.38 2.69 -4.20
C SER C 190 45.73 4.00 -4.60
N PHE C 191 46.25 4.60 -5.66
CA PHE C 191 45.73 5.86 -6.19
C PHE C 191 45.88 5.85 -7.70
N GLU C 192 45.03 6.59 -8.40
CA GLU C 192 45.11 6.68 -9.86
C GLU C 192 44.69 8.08 -10.28
N ALA C 193 45.41 8.65 -11.23
CA ALA C 193 45.10 10.00 -11.68
C ALA C 193 45.04 10.04 -13.19
N THR C 194 44.16 10.91 -13.69
CA THR C 194 43.99 11.10 -15.12
C THR C 194 43.67 12.56 -15.38
N PHE C 195 44.28 13.11 -16.42
CA PHE C 195 44.01 14.48 -16.80
C PHE C 195 44.31 14.62 -18.28
N THR C 196 43.49 15.42 -18.97
CA THR C 196 43.66 15.67 -20.38
C THR C 196 44.22 17.08 -20.57
N PHE C 197 45.34 17.15 -21.28
CA PHE C 197 46.03 18.43 -21.51
C PHE C 197 46.02 18.89 -22.97
N LEU C 198 46.45 20.13 -23.18
CA LEU C 198 46.51 20.72 -24.50
C LEU C 198 47.74 21.61 -24.55
N ILE C 199 48.85 21.07 -25.08
CA ILE C 199 50.07 21.86 -25.17
C ILE C 199 50.20 22.44 -26.57
N LYS C 200 49.89 23.73 -26.69
CA LYS C 200 49.97 24.42 -27.98
C LYS C 200 51.12 25.42 -27.96
N SER C 201 51.85 25.53 -29.06
CA SER C 201 52.96 26.46 -29.13
C SER C 201 53.22 27.10 -30.48
N PRO C 202 53.31 28.44 -30.51
CA PRO C 202 53.56 29.29 -31.68
C PRO C 202 55.02 29.16 -32.15
N ASP C 203 55.92 29.98 -31.58
CA ASP C 203 57.34 29.90 -31.91
C ASP C 203 57.55 28.40 -31.79
N SER C 204 58.41 27.79 -32.58
CA SER C 204 58.51 26.37 -32.36
C SER C 204 59.78 25.74 -31.86
N HIS C 205 59.54 25.03 -30.76
CA HIS C 205 60.47 24.30 -29.92
C HIS C 205 59.80 24.72 -28.63
N PRO C 206 58.70 24.06 -28.26
CA PRO C 206 57.98 24.38 -27.02
C PRO C 206 58.72 24.02 -25.73
N ALA C 207 58.27 24.61 -24.62
CA ALA C 207 58.87 24.35 -23.32
C ALA C 207 57.97 24.92 -22.22
N ASP C 208 57.93 24.28 -21.05
CA ASP C 208 58.91 23.26 -20.68
C ASP C 208 58.24 21.96 -20.27
N GLY C 209 56.92 21.99 -20.15
CA GLY C 209 56.20 20.78 -19.79
C GLY C 209 55.19 20.92 -18.67
N ILE C 210 54.54 19.79 -18.38
CA ILE C 210 53.53 19.69 -17.33
C ILE C 210 53.89 18.49 -16.49
N ALA C 211 53.59 18.56 -15.19
CA ALA C 211 53.90 17.42 -14.34
C ALA C 211 52.81 17.20 -13.30
N PHE C 212 52.52 15.93 -13.04
CA PHE C 212 51.55 15.58 -12.01
C PHE C 212 52.45 15.35 -10.81
N PHE C 213 52.20 16.01 -9.70
CA PHE C 213 53.06 15.81 -8.55
C PHE C 213 52.35 15.55 -7.23
N ILE C 214 53.11 14.98 -6.30
CA ILE C 214 52.62 14.68 -4.97
C ILE C 214 53.65 15.31 -4.03
N SER C 215 53.20 16.10 -3.06
CA SER C 215 54.13 16.76 -2.14
C SER C 215 53.61 16.90 -0.73
N ASN C 216 54.44 17.47 0.14
CA ASN C 216 54.04 17.69 1.52
C ASN C 216 52.90 18.70 1.47
N ILE C 217 51.98 18.58 2.41
CA ILE C 217 50.81 19.42 2.48
C ILE C 217 51.03 20.89 2.20
N ASP C 218 52.08 21.45 2.77
CA ASP C 218 52.37 22.89 2.64
C ASP C 218 53.40 23.30 1.57
N SER C 219 53.46 22.56 0.47
CA SER C 219 54.41 22.87 -0.59
C SER C 219 54.00 24.14 -1.30
N SER C 220 55.01 24.88 -1.76
CA SER C 220 54.83 26.13 -2.50
C SER C 220 55.89 26.20 -3.61
N ILE C 221 55.69 27.09 -4.59
CA ILE C 221 56.63 27.21 -5.70
C ILE C 221 57.99 27.76 -5.29
N PRO C 222 59.07 26.99 -5.53
CA PRO C 222 60.41 27.46 -5.17
C PRO C 222 60.73 28.64 -6.08
N SER C 223 61.43 29.64 -5.57
CA SER C 223 61.77 30.80 -6.39
C SER C 223 62.72 30.41 -7.53
N GLY C 224 62.50 30.98 -8.71
CA GLY C 224 63.37 30.69 -9.85
C GLY C 224 63.17 29.31 -10.41
N SER C 225 62.04 28.69 -10.12
CA SER C 225 61.75 27.37 -10.64
C SER C 225 60.98 27.45 -11.94
N THR C 226 61.33 28.41 -12.79
CA THR C 226 60.69 28.55 -14.10
C THR C 226 61.48 27.67 -15.07
N GLY C 227 61.06 27.64 -16.33
CA GLY C 227 61.76 26.82 -17.31
C GLY C 227 62.01 25.38 -16.90
N ARG C 228 63.22 24.92 -17.14
CA ARG C 228 63.63 23.54 -16.85
C ARG C 228 63.25 22.96 -15.48
N LEU C 229 62.95 23.80 -14.50
CA LEU C 229 62.61 23.29 -13.16
C LEU C 229 61.14 22.88 -12.97
N LEU C 230 60.32 23.12 -13.98
CA LEU C 230 58.91 22.74 -13.95
C LEU C 230 58.08 23.21 -12.76
N GLY C 231 58.60 24.20 -12.03
CA GLY C 231 57.89 24.72 -10.87
C GLY C 231 57.80 23.70 -9.76
N LEU C 232 58.79 22.82 -9.70
CA LEU C 232 58.82 21.77 -8.70
C LEU C 232 60.09 21.73 -7.88
N PHE C 233 61.22 22.02 -8.53
CA PHE C 233 62.51 21.97 -7.84
C PHE C 233 63.27 23.28 -7.82
N PRO C 234 64.02 23.50 -6.74
CA PRO C 234 64.82 24.73 -6.58
C PRO C 234 66.16 24.70 -7.30
N ASP C 235 66.61 23.50 -7.68
CA ASP C 235 67.89 23.33 -8.39
C ASP C 235 67.88 22.01 -9.16
N ALA C 236 68.90 21.77 -9.98
CA ALA C 236 68.96 20.54 -10.76
C ALA C 236 69.84 19.45 -10.13
N ASN C 237 69.73 19.25 -8.82
CA ASN C 237 70.54 18.23 -8.14
C ASN C 237 69.80 16.92 -7.99
N ALA D 1 24.77 35.71 10.90
CA ALA D 1 25.16 34.36 11.43
C ALA D 1 25.41 33.39 10.28
N ASP D 2 25.53 32.10 10.62
CA ASP D 2 25.76 31.06 9.64
C ASP D 2 24.45 30.65 8.98
N THR D 3 24.54 29.94 7.88
CA THR D 3 23.35 29.47 7.19
C THR D 3 23.42 27.97 7.34
N ILE D 4 22.39 27.39 7.95
CA ILE D 4 22.45 25.97 8.19
C ILE D 4 21.24 25.14 7.81
N VAL D 5 21.50 24.09 7.04
CA VAL D 5 20.47 23.15 6.62
C VAL D 5 20.93 21.84 7.24
N ALA D 6 20.08 21.21 8.04
CA ALA D 6 20.48 19.97 8.67
C ALA D 6 19.37 18.98 8.88
N VAL D 7 19.76 17.72 8.97
CA VAL D 7 18.85 16.61 9.24
C VAL D 7 19.29 16.21 10.63
N GLU D 8 18.39 16.35 11.61
CA GLU D 8 18.73 16.03 12.99
C GLU D 8 18.12 14.73 13.52
N LEU D 9 18.91 14.02 14.32
CA LEU D 9 18.48 12.78 14.98
C LEU D 9 18.31 13.19 16.44
N ASP D 10 17.18 13.82 16.74
CA ASP D 10 16.87 14.32 18.07
C ASP D 10 16.52 13.19 19.04
N THR D 11 17.13 13.19 20.21
CA THR D 11 16.88 12.14 21.19
C THR D 11 16.12 12.60 22.44
N TYR D 12 16.10 13.89 22.70
CA TYR D 12 15.39 14.39 23.86
C TYR D 12 14.26 15.32 23.40
N PRO D 13 13.02 15.03 23.81
CA PRO D 13 11.92 15.91 23.38
C PRO D 13 11.80 17.18 24.23
N ASN D 14 12.17 18.31 23.64
CA ASN D 14 12.09 19.61 24.31
C ASN D 14 10.87 20.27 23.71
N THR D 15 9.70 19.70 23.97
CA THR D 15 8.45 20.19 23.40
C THR D 15 8.05 21.61 23.82
N ASP D 16 9.07 22.38 24.20
CA ASP D 16 8.90 23.77 24.62
C ASP D 16 9.37 24.69 23.47
N ILE D 17 10.15 24.14 22.56
CA ILE D 17 10.67 24.90 21.42
C ILE D 17 10.14 24.29 20.12
N GLY D 18 9.05 23.55 20.24
CA GLY D 18 8.45 22.95 19.06
C GLY D 18 8.70 21.45 18.94
N ASP D 19 9.54 20.92 19.80
CA ASP D 19 9.87 19.50 19.77
C ASP D 19 8.66 18.59 19.97
N PRO D 20 8.68 17.41 19.33
CA PRO D 20 7.60 16.43 19.46
C PRO D 20 7.73 15.82 20.84
N SER D 21 6.75 15.02 21.26
CA SER D 21 6.80 14.41 22.58
C SER D 21 7.55 13.08 22.62
N TYR D 22 8.50 12.90 21.70
CA TYR D 22 9.22 11.63 21.62
C TYR D 22 10.45 11.76 20.73
N PRO D 23 11.36 10.77 20.78
CA PRO D 23 12.57 10.81 19.96
C PRO D 23 12.14 10.86 18.48
N HIS D 24 12.70 11.80 17.72
CA HIS D 24 12.30 11.98 16.33
C HIS D 24 13.44 12.35 15.41
N ILE D 25 13.10 12.48 14.13
CA ILE D 25 14.07 12.89 13.10
C ILE D 25 13.37 14.07 12.43
N GLY D 26 14.12 15.10 12.11
CA GLY D 26 13.53 16.26 11.47
C GLY D 26 14.47 16.95 10.51
N ILE D 27 13.92 17.87 9.74
CA ILE D 27 14.70 18.63 8.78
C ILE D 27 14.69 20.08 9.20
N ASP D 28 15.88 20.64 9.45
CA ASP D 28 15.98 22.01 9.90
C ASP D 28 16.50 22.96 8.82
N ILE D 29 15.72 23.98 8.50
CA ILE D 29 16.14 24.97 7.52
C ILE D 29 16.40 26.30 8.23
N LYS D 30 17.64 26.52 8.64
CA LYS D 30 18.06 27.75 9.31
C LYS D 30 17.42 28.00 10.67
N SER D 31 16.90 26.94 11.31
CA SER D 31 16.27 27.08 12.60
C SER D 31 16.25 25.74 13.31
N VAL D 32 16.19 25.76 14.65
CA VAL D 32 16.16 24.50 15.40
C VAL D 32 14.74 23.95 15.40
N ARG D 33 13.77 24.79 15.05
CA ARG D 33 12.38 24.37 14.98
C ARG D 33 12.15 23.73 13.60
N SER D 34 12.24 22.41 13.58
CA SER D 34 12.11 21.61 12.36
C SER D 34 10.89 21.91 11.48
N LYS D 35 11.12 21.92 10.18
CA LYS D 35 10.06 22.17 9.21
C LYS D 35 9.13 20.98 9.13
N LYS D 36 9.65 19.82 9.51
CA LYS D 36 8.84 18.61 9.51
C LYS D 36 9.62 17.53 10.23
N THR D 37 8.92 16.76 11.07
CA THR D 37 9.55 15.69 11.83
C THR D 37 8.88 14.35 11.62
N ALA D 38 9.33 13.34 12.37
CA ALA D 38 8.76 12.00 12.26
C ALA D 38 9.22 11.14 13.42
N LYS D 39 8.27 10.52 14.12
CA LYS D 39 8.60 9.66 15.26
C LYS D 39 9.73 8.70 14.90
N TRP D 40 10.70 8.58 15.80
CA TRP D 40 11.86 7.71 15.61
C TRP D 40 12.06 6.82 16.83
N ASN D 41 11.86 5.52 16.64
CA ASN D 41 12.02 4.57 17.72
C ASN D 41 13.50 4.30 17.92
N MET D 42 14.14 5.19 18.66
CA MET D 42 15.57 5.12 18.95
C MET D 42 15.90 3.92 19.85
N GLN D 43 16.88 3.10 19.46
CA GLN D 43 17.26 1.94 20.28
C GLN D 43 18.61 2.17 20.93
N ASN D 44 18.58 2.55 22.20
CA ASN D 44 19.78 2.81 22.95
C ASN D 44 20.76 1.65 22.83
N GLY D 45 22.03 1.97 22.59
CA GLY D 45 23.06 0.96 22.49
C GLY D 45 23.18 0.17 21.20
N LYS D 46 22.30 0.45 20.23
CA LYS D 46 22.37 -0.27 18.95
C LYS D 46 22.96 0.60 17.85
N VAL D 47 23.71 -0.01 16.94
CA VAL D 47 24.28 0.73 15.83
C VAL D 47 23.15 0.99 14.83
N GLY D 48 23.13 2.20 14.27
CA GLY D 48 22.11 2.55 13.31
C GLY D 48 22.70 3.19 12.08
N THR D 49 21.84 3.44 11.09
CA THR D 49 22.29 4.05 9.84
C THR D 49 21.39 5.20 9.43
N ALA D 50 22.01 6.21 8.83
CA ALA D 50 21.27 7.37 8.36
C ALA D 50 21.65 7.63 6.91
N HIS D 51 20.63 7.72 6.05
CA HIS D 51 20.79 7.97 4.62
C HIS D 51 20.11 9.28 4.31
N ILE D 52 20.84 10.20 3.68
CA ILE D 52 20.27 11.48 3.31
C ILE D 52 20.48 11.67 1.81
N ILE D 53 19.39 11.99 1.10
CA ILE D 53 19.45 12.21 -0.35
C ILE D 53 18.75 13.48 -0.76
N TYR D 54 19.19 14.04 -1.88
CA TYR D 54 18.62 15.26 -2.42
C TYR D 54 19.09 15.44 -3.85
N ASN D 55 18.18 15.83 -4.74
CA ASN D 55 18.54 16.09 -6.13
C ASN D 55 17.84 17.38 -6.58
N SER D 56 18.46 18.10 -7.52
CA SER D 56 17.92 19.36 -8.00
C SER D 56 16.67 19.25 -8.87
N VAL D 57 16.43 18.06 -9.41
CA VAL D 57 15.28 17.85 -10.27
C VAL D 57 13.98 17.86 -9.47
N ASP D 58 13.99 17.21 -8.31
CA ASP D 58 12.82 17.16 -7.46
C ASP D 58 12.83 18.25 -6.40
N LYS D 59 14.03 18.68 -6.05
CA LYS D 59 14.22 19.70 -5.03
C LYS D 59 13.54 19.22 -3.76
N ARG D 60 13.82 17.96 -3.42
CA ARG D 60 13.28 17.35 -2.21
C ARG D 60 14.39 16.67 -1.38
N LEU D 61 14.50 17.06 -0.12
CA LEU D 61 15.50 16.51 0.77
C LEU D 61 14.82 15.43 1.60
N SER D 62 15.36 14.22 1.54
CA SER D 62 14.78 13.08 2.28
C SER D 62 15.85 12.41 3.11
N ALA D 63 15.42 11.80 4.22
CA ALA D 63 16.33 11.10 5.12
C ALA D 63 15.70 9.81 5.60
N VAL D 64 16.52 8.80 5.81
CA VAL D 64 16.03 7.51 6.30
C VAL D 64 16.94 7.07 7.44
N VAL D 65 16.35 6.73 8.57
CA VAL D 65 17.13 6.27 9.70
C VAL D 65 16.57 4.89 10.03
N SER D 66 17.46 3.90 10.07
CA SER D 66 17.05 2.54 10.36
C SER D 66 18.03 1.81 11.27
N TYR D 67 17.54 0.69 11.81
CA TYR D 67 18.28 -0.18 12.70
C TYR D 67 18.08 -1.58 12.14
N PRO D 68 19.14 -2.40 12.13
CA PRO D 68 19.00 -3.76 11.61
C PRO D 68 17.75 -4.48 12.11
N ASN D 69 17.00 -5.08 11.19
CA ASN D 69 15.80 -5.83 11.52
C ASN D 69 14.80 -5.02 12.33
N ALA D 70 14.55 -3.78 11.89
CA ALA D 70 13.59 -2.92 12.58
C ALA D 70 12.93 -1.99 11.58
N ASP D 71 11.78 -1.43 11.93
CA ASP D 71 11.11 -0.51 11.03
C ASP D 71 11.95 0.75 10.99
N SER D 72 11.92 1.45 9.86
CA SER D 72 12.72 2.66 9.72
C SER D 72 11.90 3.94 9.79
N ALA D 73 12.58 5.04 10.08
CA ALA D 73 11.95 6.33 10.17
C ALA D 73 12.30 7.06 8.89
N THR D 74 11.33 7.75 8.30
CA THR D 74 11.55 8.49 7.05
C THR D 74 10.93 9.88 7.08
N VAL D 75 11.66 10.88 6.59
CA VAL D 75 11.16 12.23 6.56
C VAL D 75 11.69 12.98 5.35
N SER D 76 10.82 13.71 4.68
CA SER D 76 11.20 14.49 3.49
C SER D 76 10.61 15.89 3.57
N TYR D 77 11.17 16.80 2.78
CA TYR D 77 10.69 18.17 2.78
C TYR D 77 11.07 18.82 1.47
N ASP D 78 10.06 19.29 0.73
CA ASP D 78 10.31 19.94 -0.53
C ASP D 78 10.94 21.29 -0.26
N VAL D 79 12.23 21.39 -0.60
CA VAL D 79 12.99 22.62 -0.43
C VAL D 79 14.02 22.79 -1.53
N ASP D 80 14.03 23.99 -2.10
CA ASP D 80 14.94 24.35 -3.18
C ASP D 80 16.21 24.95 -2.54
N LEU D 81 17.28 24.17 -2.51
CA LEU D 81 18.55 24.58 -1.89
C LEU D 81 19.30 25.75 -2.52
N ASP D 82 18.96 26.05 -3.77
CA ASP D 82 19.60 27.15 -4.48
C ASP D 82 19.33 28.48 -3.81
N ASN D 83 18.13 28.61 -3.24
CA ASN D 83 17.70 29.85 -2.60
C ASN D 83 17.84 29.83 -1.10
N VAL D 84 18.72 28.97 -0.60
CA VAL D 84 18.94 28.87 0.83
C VAL D 84 20.43 28.83 1.15
N LEU D 85 21.20 28.09 0.35
CA LEU D 85 22.63 27.94 0.58
C LEU D 85 23.50 28.62 -0.45
N PRO D 86 24.71 29.05 -0.07
CA PRO D 86 25.61 29.71 -1.03
C PRO D 86 26.04 28.55 -1.92
N GLU D 87 26.53 28.80 -3.13
CA GLU D 87 26.90 27.64 -3.94
C GLU D 87 28.08 26.84 -3.43
N TRP D 88 28.89 27.42 -2.57
CA TRP D 88 30.01 26.69 -1.99
C TRP D 88 29.74 26.56 -0.49
N VAL D 89 29.81 25.34 0.01
CA VAL D 89 29.55 25.10 1.41
C VAL D 89 30.45 24.00 1.92
N ARG D 90 30.28 23.67 3.19
CA ARG D 90 31.02 22.60 3.83
C ARG D 90 30.02 21.65 4.44
N VAL D 91 30.35 20.36 4.49
CA VAL D 91 29.43 19.39 5.08
C VAL D 91 30.05 18.77 6.32
N GLY D 92 29.20 18.35 7.25
CA GLY D 92 29.73 17.74 8.46
C GLY D 92 28.72 17.08 9.37
N LEU D 93 29.20 16.75 10.56
CA LEU D 93 28.40 16.11 11.60
C LEU D 93 28.56 16.86 12.92
N SER D 94 27.44 17.11 13.59
CA SER D 94 27.43 17.83 14.86
C SER D 94 26.61 17.04 15.86
N ALA D 95 27.01 17.08 17.13
CA ALA D 95 26.28 16.38 18.20
C ALA D 95 26.44 17.16 19.48
N SER D 96 25.56 16.92 20.45
CA SER D 96 25.62 17.63 21.72
C SER D 96 24.99 16.89 22.88
N THR D 97 25.26 17.40 24.08
CA THR D 97 24.72 16.85 25.31
C THR D 97 24.48 18.04 26.24
N GLY D 98 23.67 17.85 27.27
CA GLY D 98 23.39 18.93 28.20
C GLY D 98 23.27 18.38 29.60
N LEU D 99 22.09 18.50 30.19
CA LEU D 99 21.82 18.01 31.53
C LEU D 99 21.95 16.50 31.45
N TYR D 100 21.32 15.93 30.44
CA TYR D 100 21.35 14.49 30.19
C TYR D 100 22.37 14.23 29.09
N LYS D 101 22.96 13.05 29.07
CA LYS D 101 23.94 12.74 28.04
C LYS D 101 23.73 11.41 27.32
N GLU D 102 24.62 11.16 26.38
CA GLU D 102 24.63 9.96 25.57
C GLU D 102 25.94 10.05 24.82
N THR D 103 26.36 8.94 24.23
CA THR D 103 27.59 8.95 23.44
C THR D 103 27.11 9.23 22.03
N ASN D 104 27.85 10.08 21.32
CA ASN D 104 27.51 10.39 19.95
C ASN D 104 28.66 9.92 19.10
N THR D 105 28.78 8.60 18.98
CA THR D 105 29.86 7.96 18.23
C THR D 105 29.54 7.69 16.75
N ILE D 106 30.47 8.07 15.87
CA ILE D 106 30.29 7.84 14.45
C ILE D 106 31.26 6.74 14.04
N LEU D 107 30.75 5.69 13.43
CA LEU D 107 31.60 4.57 13.04
C LEU D 107 32.05 4.66 11.59
N SER D 108 31.28 5.38 10.78
CA SER D 108 31.63 5.56 9.37
C SER D 108 30.83 6.70 8.78
N TRP D 109 31.38 7.31 7.73
CA TRP D 109 30.73 8.43 7.08
C TRP D 109 31.21 8.57 5.65
N SER D 110 30.28 8.52 4.70
CA SER D 110 30.61 8.65 3.30
C SER D 110 29.72 9.73 2.70
N PHE D 111 30.23 10.42 1.69
CA PHE D 111 29.51 11.50 1.03
C PHE D 111 29.85 11.55 -0.45
N THR D 112 28.83 11.83 -1.26
CA THR D 112 29.01 11.92 -2.70
C THR D 112 28.20 13.07 -3.28
N SER D 113 28.87 13.94 -4.04
CA SER D 113 28.22 15.09 -4.65
C SER D 113 28.46 15.13 -6.15
N LYS D 114 27.38 15.20 -6.93
CA LYS D 114 27.46 15.25 -8.40
C LYS D 114 26.85 16.54 -8.96
N LEU D 115 27.54 17.13 -9.94
CA LEU D 115 27.07 18.35 -10.57
C LEU D 115 27.24 18.22 -12.09
N LYS D 116 26.16 18.43 -12.83
CA LYS D 116 26.20 18.32 -14.30
C LYS D 116 25.81 19.59 -15.03
N SER D 117 26.78 20.25 -15.65
CA SER D 117 26.53 21.53 -16.35
C SER D 117 26.07 21.45 -17.80
N ASN D 118 26.02 22.62 -18.44
CA ASN D 118 25.60 22.80 -19.84
C ASN D 118 26.70 22.43 -20.84
N SER D 119 27.17 21.19 -20.72
CA SER D 119 28.21 20.65 -21.58
C SER D 119 27.95 19.15 -21.65
N THR D 120 28.00 18.62 -22.86
CA THR D 120 27.73 17.20 -23.10
C THR D 120 28.61 16.26 -22.26
N HIS D 121 27.97 15.53 -21.35
CA HIS D 121 28.66 14.55 -20.48
C HIS D 121 29.61 15.15 -19.42
N GLU D 122 29.62 16.48 -19.26
CA GLU D 122 30.55 17.12 -18.34
C GLU D 122 30.06 17.11 -16.90
N THR D 123 30.65 16.22 -16.10
CA THR D 123 30.26 16.06 -14.71
C THR D 123 31.41 16.26 -13.74
N ASN D 124 31.14 17.03 -12.69
CA ASN D 124 32.10 17.27 -11.62
C ASN D 124 31.58 16.50 -10.42
N ALA D 125 32.45 15.81 -9.73
CA ALA D 125 31.98 15.04 -8.60
C ALA D 125 32.97 14.94 -7.45
N LEU D 126 32.46 14.92 -6.21
CA LEU D 126 33.30 14.77 -5.04
C LEU D 126 32.78 13.60 -4.23
N HIS D 127 33.68 12.74 -3.79
CA HIS D 127 33.30 11.57 -3.02
C HIS D 127 34.35 11.20 -2.00
N PHE D 128 33.96 11.11 -0.74
CA PHE D 128 34.90 10.72 0.30
C PHE D 128 34.20 9.65 1.14
N MET D 129 34.98 8.75 1.71
CA MET D 129 34.41 7.67 2.53
C MET D 129 35.29 7.37 3.71
N PHE D 130 34.69 7.37 4.90
CA PHE D 130 35.43 7.08 6.13
C PHE D 130 34.90 5.81 6.79
N ASN D 131 35.73 4.78 6.87
CA ASN D 131 35.35 3.54 7.53
C ASN D 131 36.05 3.45 8.87
N GLN D 132 37.11 4.22 9.01
CA GLN D 132 37.86 4.31 10.24
C GLN D 132 38.59 5.64 10.29
N PHE D 133 38.57 6.28 11.46
CA PHE D 133 39.21 7.55 11.67
C PHE D 133 40.51 7.32 12.43
N SER D 134 41.58 7.96 12.00
CA SER D 134 42.87 7.81 12.68
C SER D 134 43.02 8.94 13.68
N LYS D 135 43.93 8.77 14.64
CA LYS D 135 44.13 9.81 15.65
C LYS D 135 44.37 11.17 15.01
N ASP D 136 45.15 11.22 13.93
CA ASP D 136 45.41 12.48 13.25
C ASP D 136 44.78 12.51 11.86
N GLN D 137 43.48 12.83 11.82
CA GLN D 137 42.67 12.88 10.59
C GLN D 137 42.78 14.26 9.94
N LYS D 138 43.84 14.47 9.16
CA LYS D 138 44.06 15.77 8.54
C LYS D 138 43.00 16.26 7.56
N ASP D 139 42.27 15.37 6.91
CA ASP D 139 41.26 15.81 5.97
C ASP D 139 39.94 16.14 6.67
N LEU D 140 40.00 16.27 7.99
CA LEU D 140 38.82 16.60 8.79
C LEU D 140 39.03 17.85 9.64
N ILE D 141 37.97 18.61 9.84
CA ILE D 141 38.03 19.80 10.68
C ILE D 141 37.20 19.51 11.92
N LEU D 142 37.87 19.24 13.04
CA LEU D 142 37.20 18.95 14.31
C LEU D 142 36.97 20.25 15.09
N GLN D 143 35.76 20.40 15.62
CA GLN D 143 35.44 21.60 16.39
C GLN D 143 34.84 21.18 17.72
N GLY D 144 35.06 21.99 18.75
CA GLY D 144 34.52 21.66 20.06
C GLY D 144 35.21 20.46 20.67
N ASP D 145 34.42 19.61 21.32
CA ASP D 145 34.95 18.44 21.99
C ASP D 145 35.10 17.23 21.08
N ALA D 146 34.87 17.43 19.79
CA ALA D 146 34.97 16.34 18.83
C ALA D 146 36.39 15.78 18.75
N THR D 147 36.50 14.46 18.69
CA THR D 147 37.80 13.81 18.60
C THR D 147 37.67 12.53 17.79
N THR D 148 38.78 12.10 17.19
CA THR D 148 38.83 10.89 16.40
C THR D 148 39.85 10.02 17.07
N GLY D 149 40.38 9.05 16.37
CA GLY D 149 41.41 8.24 16.99
C GLY D 149 40.99 7.05 17.97
N THR D 150 39.90 7.18 18.78
CA THR D 150 39.41 6.20 19.81
C THR D 150 38.97 4.87 19.20
N ASP D 151 40.10 4.36 18.66
CA ASP D 151 40.33 3.18 17.88
C ASP D 151 39.27 3.03 16.82
N GLY D 152 39.44 3.79 15.74
CA GLY D 152 38.50 3.74 14.64
C GLY D 152 37.38 4.76 14.61
N ASN D 153 36.74 5.01 15.74
CA ASN D 153 35.59 5.92 15.75
C ASN D 153 35.84 7.41 15.95
N LEU D 154 34.80 8.19 15.67
CA LEU D 154 34.80 9.64 15.81
C LEU D 154 33.84 9.98 16.95
N GLU D 155 34.39 10.44 18.06
CA GLU D 155 33.56 10.82 19.20
C GLU D 155 33.24 12.29 19.08
N LEU D 156 32.01 12.59 18.70
CA LEU D 156 31.59 13.99 18.55
C LEU D 156 31.59 14.75 19.88
N THR D 157 31.16 14.10 20.95
CA THR D 157 31.12 14.72 22.27
C THR D 157 32.01 13.98 23.28
N ARG D 158 32.33 14.66 24.39
CA ARG D 158 33.19 14.11 25.45
C ARG D 158 32.78 12.78 26.04
N VAL D 159 33.74 11.85 26.09
CA VAL D 159 33.52 10.54 26.69
C VAL D 159 34.71 10.29 27.61
N SER D 160 34.43 9.91 28.84
CA SER D 160 35.49 9.66 29.82
C SER D 160 36.36 8.49 29.43
N SER D 161 37.45 8.32 30.17
CA SER D 161 38.39 7.23 29.96
C SER D 161 37.66 5.91 30.00
N ASN D 162 36.93 5.69 31.09
CA ASN D 162 36.17 4.47 31.28
C ASN D 162 35.10 4.28 30.20
N GLY D 163 34.82 5.35 29.45
CA GLY D 163 33.85 5.25 28.37
C GLY D 163 32.44 5.80 28.54
N SER D 164 32.19 6.58 29.58
CA SER D 164 30.85 7.13 29.80
C SER D 164 30.72 8.54 29.25
N PRO D 165 29.53 8.88 28.71
CA PRO D 165 29.27 10.20 28.15
C PRO D 165 29.19 11.32 29.20
N GLN D 166 29.71 12.49 28.83
CA GLN D 166 29.72 13.66 29.70
C GLN D 166 28.59 14.60 29.33
N GLY D 167 28.15 15.41 30.30
CA GLY D 167 27.09 16.36 30.04
C GLY D 167 27.68 17.64 29.48
N SER D 168 26.81 18.54 29.04
CA SER D 168 27.24 19.81 28.46
C SER D 168 28.49 19.67 27.57
N SER D 169 28.30 19.09 26.39
CA SER D 169 29.40 18.89 25.47
C SER D 169 28.96 19.18 24.04
N VAL D 170 29.86 19.75 23.24
CA VAL D 170 29.56 20.07 21.85
C VAL D 170 30.76 19.77 20.96
N GLY D 171 30.48 19.09 19.84
CA GLY D 171 31.54 18.76 18.89
C GLY D 171 31.04 18.67 17.45
N ARG D 172 31.91 18.96 16.51
CA ARG D 172 31.56 18.90 15.10
C ARG D 172 32.73 18.35 14.30
N ALA D 173 32.43 17.83 13.11
CA ALA D 173 33.45 17.29 12.24
C ALA D 173 33.09 17.71 10.82
N LEU D 174 33.83 18.67 10.26
CA LEU D 174 33.56 19.09 8.90
C LEU D 174 34.63 18.58 7.96
N PHE D 175 34.22 18.25 6.73
CA PHE D 175 35.17 17.77 5.73
C PHE D 175 35.98 18.99 5.28
N TYR D 176 37.29 18.80 5.19
CA TYR D 176 38.21 19.88 4.84
C TYR D 176 37.92 20.71 3.58
N ALA D 177 37.82 20.05 2.43
CA ALA D 177 37.57 20.73 1.17
C ALA D 177 36.15 21.27 1.06
N PRO D 178 35.97 22.45 0.45
CA PRO D 178 34.62 23.04 0.30
C PRO D 178 33.88 22.22 -0.74
N VAL D 179 32.55 22.27 -0.72
CA VAL D 179 31.76 21.53 -1.67
C VAL D 179 30.90 22.43 -2.55
N HIS D 180 30.82 22.09 -3.83
CA HIS D 180 30.03 22.84 -4.80
C HIS D 180 28.67 22.17 -4.81
N ILE D 181 27.78 22.62 -3.94
CA ILE D 181 26.46 22.04 -3.81
C ILE D 181 25.45 22.37 -4.91
N TRP D 182 25.55 23.54 -5.50
CA TRP D 182 24.65 23.92 -6.59
C TRP D 182 25.29 24.94 -7.52
N GLU D 183 24.83 24.95 -8.78
CA GLU D 183 25.36 25.89 -9.76
C GLU D 183 24.28 26.26 -10.76
N SER D 184 24.17 27.55 -11.05
CA SER D 184 23.17 28.07 -11.99
C SER D 184 23.01 27.24 -13.25
N SER D 185 24.10 27.05 -13.98
CA SER D 185 24.06 26.29 -15.22
C SER D 185 23.89 24.78 -15.06
N ALA D 186 23.68 24.32 -13.82
CA ALA D 186 23.54 22.90 -13.57
C ALA D 186 22.28 22.24 -14.10
N VAL D 187 22.47 21.21 -14.92
CA VAL D 187 21.36 20.44 -15.51
C VAL D 187 20.79 19.61 -14.38
N VAL D 188 21.68 18.92 -13.67
CA VAL D 188 21.30 18.08 -12.56
C VAL D 188 22.36 18.12 -11.46
N ALA D 189 21.95 18.42 -10.24
CA ALA D 189 22.86 18.45 -9.10
C ALA D 189 22.28 17.57 -8.00
N SER D 190 23.11 16.68 -7.47
CA SER D 190 22.65 15.79 -6.41
C SER D 190 23.77 15.43 -5.45
N PHE D 191 23.38 14.88 -4.30
CA PHE D 191 24.33 14.46 -3.28
C PHE D 191 23.62 13.49 -2.35
N GLU D 192 24.38 12.60 -1.72
CA GLU D 192 23.82 11.65 -0.78
C GLU D 192 24.87 11.38 0.31
N ALA D 193 24.42 11.38 1.57
CA ALA D 193 25.31 11.16 2.69
C ALA D 193 24.86 9.97 3.53
N THR D 194 25.83 9.17 3.96
CA THR D 194 25.56 7.99 4.77
C THR D 194 26.51 7.91 5.97
N PHE D 195 25.98 7.59 7.14
CA PHE D 195 26.81 7.44 8.33
C PHE D 195 26.16 6.48 9.33
N THR D 196 27.00 5.75 10.04
CA THR D 196 26.52 4.82 11.06
C THR D 196 26.90 5.39 12.43
N PHE D 197 25.92 5.41 13.32
CA PHE D 197 26.12 5.96 14.65
C PHE D 197 25.86 4.95 15.74
N LEU D 198 26.25 5.30 16.95
CA LEU D 198 26.04 4.45 18.11
C LEU D 198 25.76 5.36 19.29
N ILE D 199 24.47 5.63 19.53
CA ILE D 199 24.07 6.46 20.64
C ILE D 199 23.82 5.59 21.87
N LYS D 200 24.71 5.68 22.85
CA LYS D 200 24.57 4.88 24.07
C LYS D 200 24.36 5.76 25.29
N SER D 201 23.45 5.34 26.15
CA SER D 201 23.14 6.09 27.36
C SER D 201 22.98 5.19 28.59
N PRO D 202 24.00 5.17 29.46
CA PRO D 202 23.90 4.33 30.66
C PRO D 202 22.70 4.78 31.51
N ASP D 203 22.65 5.98 31.75
CA ASP D 203 21.52 6.38 32.39
C ASP D 203 20.59 6.54 31.27
N SER D 204 19.84 5.53 31.13
CA SER D 204 18.76 5.37 30.14
C SER D 204 17.86 6.58 29.83
N HIS D 205 18.49 7.74 29.67
CA HIS D 205 17.81 8.99 29.41
C HIS D 205 18.80 9.76 28.56
N PRO D 206 18.76 9.50 27.25
CA PRO D 206 19.64 10.14 26.27
C PRO D 206 19.29 11.59 25.97
N ALA D 207 20.27 12.28 25.37
CA ALA D 207 20.15 13.67 24.95
C ALA D 207 21.56 14.15 24.56
N ASP D 208 21.69 14.83 23.43
CA ASP D 208 20.58 15.57 22.83
C ASP D 208 20.35 15.18 21.39
N GLY D 209 21.35 14.59 20.76
CA GLY D 209 21.21 14.18 19.38
C GLY D 209 22.43 14.37 18.49
N ILE D 210 22.33 13.87 17.27
CA ILE D 210 23.38 13.98 16.26
C ILE D 210 22.72 14.56 15.02
N ALA D 211 23.47 15.31 14.22
CA ALA D 211 22.91 15.90 13.01
C ALA D 211 23.90 15.98 11.87
N PHE D 212 23.40 15.82 10.65
CA PHE D 212 24.23 15.95 9.45
C PHE D 212 23.86 17.34 8.97
N PHE D 213 24.85 18.21 8.78
CA PHE D 213 24.53 19.57 8.37
C PHE D 213 25.36 20.11 7.21
N ILE D 214 24.81 21.12 6.54
CA ILE D 214 25.47 21.79 5.44
C ILE D 214 25.49 23.27 5.84
N SER D 215 26.62 23.94 5.64
CA SER D 215 26.72 25.34 6.03
C SER D 215 27.72 26.13 5.21
N ASN D 216 27.84 27.42 5.52
CA ASN D 216 28.81 28.29 4.86
C ASN D 216 30.18 27.73 5.22
N ILE D 217 31.14 27.93 4.32
CA ILE D 217 32.48 27.41 4.52
C ILE D 217 33.15 27.71 5.86
N ASP D 218 32.83 28.85 6.46
CA ASP D 218 33.47 29.23 7.72
C ASP D 218 32.61 29.12 8.98
N SER D 219 31.58 28.27 8.95
CA SER D 219 30.72 28.10 10.10
C SER D 219 31.49 27.50 11.26
N SER D 220 31.15 27.92 12.47
CA SER D 220 31.79 27.41 13.68
C SER D 220 30.70 27.28 14.72
N ILE D 221 30.99 26.56 15.79
CA ILE D 221 30.02 26.33 16.87
C ILE D 221 29.53 27.63 17.54
N PRO D 222 28.22 27.87 17.54
CA PRO D 222 27.64 29.07 18.16
C PRO D 222 27.79 28.97 19.68
N SER D 223 27.81 30.10 20.39
CA SER D 223 27.96 30.06 21.85
C SER D 223 26.74 29.46 22.55
N GLY D 224 27.00 28.66 23.58
CA GLY D 224 25.92 28.05 24.33
C GLY D 224 25.01 27.17 23.50
N SER D 225 25.54 26.63 22.41
CA SER D 225 24.74 25.77 21.56
C SER D 225 24.87 24.33 22.01
N THR D 226 25.10 24.12 23.30
CA THR D 226 25.18 22.76 23.83
C THR D 226 23.74 22.28 23.91
N GLY D 227 23.54 21.08 24.43
CA GLY D 227 22.19 20.52 24.58
C GLY D 227 21.26 20.65 23.39
N ARG D 228 20.01 21.05 23.67
CA ARG D 228 18.96 21.22 22.67
C ARG D 228 19.30 21.92 21.35
N LEU D 229 20.43 22.62 21.28
CA LEU D 229 20.76 23.33 20.06
C LEU D 229 21.64 22.51 19.13
N LEU D 230 22.04 21.32 19.59
CA LEU D 230 22.85 20.41 18.79
C LEU D 230 24.11 21.01 18.18
N GLY D 231 24.54 22.16 18.71
CA GLY D 231 25.74 22.81 18.21
C GLY D 231 25.60 23.34 16.80
N LEU D 232 24.42 23.86 16.47
CA LEU D 232 24.16 24.38 15.14
C LEU D 232 23.57 25.77 15.12
N PHE D 233 22.73 26.08 16.10
CA PHE D 233 22.07 27.38 16.15
C PHE D 233 22.37 28.17 17.41
N PRO D 234 22.38 29.50 17.29
CA PRO D 234 22.64 30.39 18.43
C PRO D 234 21.47 30.49 19.42
N ASP D 235 20.24 30.49 18.90
CA ASP D 235 19.04 30.55 19.74
C ASP D 235 18.04 29.49 19.32
N ALA D 236 16.79 29.63 19.77
CA ALA D 236 15.75 28.65 19.43
C ALA D 236 14.55 29.28 18.75
N ASN D 237 14.79 30.30 17.94
CA ASN D 237 13.71 30.98 17.23
C ASN D 237 13.40 30.20 15.96
N MET E 2 -58.17 -39.11 25.52
CA MET E 2 -59.36 -38.24 25.43
C MET E 2 -58.93 -36.94 26.11
N TYR E 3 -58.63 -36.01 25.20
CA TYR E 3 -58.10 -34.64 25.43
C TYR E 3 -58.93 -33.66 24.68
N TRP E 4 -59.95 -33.05 25.21
CA TRP E 4 -60.62 -32.15 24.29
C TRP E 4 -61.35 -30.95 24.83
N TYR E 5 -61.74 -30.97 26.11
CA TYR E 5 -62.52 -29.82 26.51
C TYR E 5 -62.59 -28.94 27.74
N PRO E 6 -62.52 -27.62 27.49
CA PRO E 6 -62.58 -26.46 28.39
C PRO E 6 -64.03 -25.96 28.23
N TYR E 7 -64.25 -25.04 27.27
CA TYR E 7 -65.57 -24.49 26.94
C TYR E 7 -65.55 -23.16 26.18
N MET F 2 -29.90 -6.54 -33.55
CA MET F 2 -29.31 -7.17 -34.70
C MET F 2 -27.96 -6.58 -34.39
N TYR F 3 -27.59 -6.84 -33.10
CA TYR F 3 -26.40 -6.26 -32.54
C TYR F 3 -25.10 -7.02 -32.78
N TRP F 4 -24.90 -8.24 -32.22
CA TRP F 4 -23.51 -8.73 -32.34
C TRP F 4 -23.05 -10.07 -31.73
N TYR F 5 -22.57 -11.05 -32.53
CA TYR F 5 -21.95 -12.25 -31.93
C TYR F 5 -20.44 -11.99 -32.08
N PRO F 6 -19.65 -12.05 -31.00
CA PRO F 6 -18.23 -11.83 -31.34
C PRO F 6 -17.66 -13.19 -31.80
N TYR F 7 -18.34 -13.76 -32.80
CA TYR F 7 -18.04 -15.03 -33.46
C TYR F 7 -19.33 -15.75 -33.84
N MET G 2 44.33 21.77 -37.33
CA MET G 2 45.16 21.23 -38.35
C MET G 2 46.36 22.06 -37.85
N TYR G 3 46.54 21.99 -36.53
CA TYR G 3 47.57 22.80 -35.90
C TYR G 3 48.90 22.08 -36.07
N TRP G 4 49.32 21.21 -35.14
CA TRP G 4 50.57 20.47 -35.40
C TRP G 4 51.38 19.54 -34.50
N TYR G 5 51.94 18.51 -35.14
CA TYR G 5 52.79 17.53 -34.47
C TYR G 5 54.24 18.02 -34.53
N PRO G 6 54.93 18.16 -33.38
CA PRO G 6 56.32 18.59 -33.60
C PRO G 6 57.13 17.32 -33.91
N TYR G 7 56.66 16.62 -34.93
CA TYR G 7 57.21 15.38 -35.48
C TYR G 7 56.05 14.44 -35.87
N MET H 2 25.57 -4.90 26.28
CA MET H 2 24.17 -5.36 25.96
C MET H 2 23.13 -4.97 27.04
N TYR H 3 23.02 -3.66 27.22
CA TYR H 3 21.99 -3.03 28.05
C TYR H 3 21.44 -2.08 26.97
N TRP H 4 20.12 -1.86 26.86
CA TRP H 4 19.78 -1.01 25.72
C TRP H 4 18.70 0.05 25.47
N TYR H 5 17.59 0.17 26.19
CA TYR H 5 16.73 1.31 25.83
C TYR H 5 15.64 1.82 26.77
N PRO H 6 15.51 3.15 26.59
CA PRO H 6 14.56 4.10 27.27
C PRO H 6 13.09 3.98 27.13
N TYR H 7 12.76 4.67 26.04
CA TYR H 7 11.38 4.85 25.57
C TYR H 7 11.13 4.34 24.15
#